data_7R3N
#
_entry.id   7R3N
#
_cell.length_a   112.813
_cell.length_b   65.165
_cell.length_c   134.311
_cell.angle_alpha   90.000
_cell.angle_beta   98.093
_cell.angle_gamma   90.000
#
_symmetry.space_group_name_H-M   'P 1 21 1'
#
loop_
_entity.id
_entity.type
_entity.pdbx_description
1 polymer 'Interleukin-12 subunit beta'
2 branched alpha-D-mannopyranose-(1-3)-beta-D-mannopyranose-(1-4)-2-acetamido-2-deoxy-beta-D-glucopyranose-(1-4)-2-acetamido-2-deoxy-beta-D-glucopyranose
3 branched beta-D-mannopyranose-(1-4)-2-acetamido-2-deoxy-beta-D-glucopyranose-(1-4)-2-acetamido-2-deoxy-beta-D-glucopyranose
4 non-polymer 'PHOSPHATE ION'
5 water water
#
_entity_poly.entity_id   1
_entity_poly.type   'polypeptide(L)'
_entity_poly.pdbx_seq_one_letter_code
;MCPQKLTISWFAIVLLVSPLMAMWELEKDVYVVEVDWTPDAPGETVNLTCDTPEEDDITWTSDQRHGVIGSGKTLTITVK
EFLDAGQYTCHKGGETLSHSHLLLHKKENGIWSTEILKNFKNKTFLKCEAPNYSGRFTCSWLVQRNMDLKFNIKSSSSSP
DSRAVTCGMASLSAEKVTLDQRDYEKYSVSCQEDVTCPTAEETLPIELALEARQQNKYENYSTSFFIRDIIKPDPPKNLQ
MKPLKNSQVEVSWEYPDSWSTPHSYFSLKFFVRIQRKKEKMKETEEGCNQKGAFLVEKTSTEVQCKGGNVCVQAQDRYYN
SSCSKWACVPCRVRS
;
_entity_poly.pdbx_strand_id   A,B,C,D
#
# COMPACT_ATOMS: atom_id res chain seq x y z
N MET A 23 -64.33 -13.91 51.28
CA MET A 23 -64.21 -14.80 50.10
C MET A 23 -63.10 -14.26 49.19
N TRP A 24 -62.21 -15.14 48.74
CA TRP A 24 -61.15 -14.71 47.80
C TRP A 24 -61.03 -15.75 46.69
N GLU A 25 -60.75 -15.29 45.46
CA GLU A 25 -60.67 -16.24 44.35
C GLU A 25 -59.33 -16.95 44.36
N LEU A 26 -59.39 -18.28 44.31
CA LEU A 26 -58.20 -19.15 44.28
C LEU A 26 -57.76 -19.42 42.85
N GLU A 27 -58.72 -19.71 41.99
CA GLU A 27 -58.50 -19.91 40.57
C GLU A 27 -59.85 -19.63 39.92
N LYS A 28 -59.88 -19.62 38.58
CA LYS A 28 -61.11 -19.23 37.90
C LYS A 28 -62.29 -20.06 38.37
N ASP A 29 -63.34 -19.37 38.81
CA ASP A 29 -64.59 -19.99 39.26
C ASP A 29 -64.41 -20.87 40.49
N VAL A 30 -63.34 -20.72 41.25
CA VAL A 30 -63.13 -21.46 42.48
C VAL A 30 -62.80 -20.45 43.57
N TYR A 31 -63.60 -20.41 44.64
CA TYR A 31 -63.47 -19.38 45.66
C TYR A 31 -63.30 -20.00 47.04
N VAL A 32 -62.48 -19.38 47.87
CA VAL A 32 -62.22 -19.79 49.25
C VAL A 32 -62.97 -18.88 50.20
N VAL A 33 -63.79 -19.45 51.03
CA VAL A 33 -64.53 -18.71 52.04
C VAL A 33 -63.93 -19.01 53.40
N GLU A 34 -63.58 -17.95 54.13
CA GLU A 34 -62.93 -18.08 55.42
C GLU A 34 -64.03 -18.09 56.46
N VAL A 35 -64.13 -19.17 57.23
CA VAL A 35 -65.25 -19.35 58.15
C VAL A 35 -64.81 -19.48 59.60
N ASP A 36 -65.27 -18.57 60.45
CA ASP A 36 -65.02 -18.73 61.88
C ASP A 36 -65.83 -19.90 62.42
N TRP A 37 -65.15 -20.91 62.95
CA TRP A 37 -65.75 -22.15 63.41
C TRP A 37 -65.99 -22.18 64.91
N THR A 38 -66.02 -21.02 65.55
CA THR A 38 -66.46 -20.94 66.93
C THR A 38 -67.98 -21.13 66.94
N PRO A 39 -68.54 -21.76 68.00
CA PRO A 39 -69.86 -22.42 67.82
C PRO A 39 -71.05 -21.47 67.58
N ASP A 40 -70.97 -20.21 68.00
CA ASP A 40 -72.06 -19.24 67.87
C ASP A 40 -71.74 -18.19 66.81
N ALA A 41 -70.69 -18.41 66.04
CA ALA A 41 -70.27 -17.45 65.05
C ALA A 41 -71.30 -17.35 63.93
N PRO A 42 -71.57 -16.14 63.44
CA PRO A 42 -72.45 -16.01 62.27
C PRO A 42 -71.71 -16.43 61.00
N GLY A 43 -72.48 -16.99 60.05
CA GLY A 43 -71.88 -17.37 58.78
C GLY A 43 -71.59 -16.19 57.87
N GLU A 44 -70.54 -16.33 57.08
CA GLU A 44 -70.18 -15.27 56.14
C GLU A 44 -71.16 -15.27 54.96
N THR A 45 -71.64 -14.07 54.62
CA THR A 45 -72.50 -13.83 53.45
C THR A 45 -71.66 -13.56 52.20
N VAL A 46 -71.90 -14.35 51.13
CA VAL A 46 -71.16 -14.23 49.89
C VAL A 46 -72.15 -14.07 48.73
N ASN A 47 -71.67 -13.49 47.63
CA ASN A 47 -72.47 -13.24 46.44
C ASN A 47 -71.83 -14.00 45.28
N LEU A 48 -72.65 -14.66 44.48
CA LEU A 48 -72.22 -15.39 43.32
C LEU A 48 -72.92 -14.88 42.09
N THR A 49 -72.17 -14.58 41.04
CA THR A 49 -72.72 -13.97 39.84
C THR A 49 -72.58 -14.90 38.65
N CYS A 50 -73.69 -15.14 37.98
CA CYS A 50 -73.72 -15.99 36.80
C CYS A 50 -72.94 -15.35 35.66
N ASP A 51 -72.01 -16.10 35.06
CA ASP A 51 -71.16 -15.55 34.01
C ASP A 51 -71.90 -15.68 32.68
N THR A 52 -72.74 -14.69 32.39
CA THR A 52 -73.61 -14.69 31.22
C THR A 52 -73.92 -13.24 30.87
N PRO A 53 -74.28 -12.96 29.61
CA PRO A 53 -74.83 -11.62 29.28
C PRO A 53 -76.32 -11.45 29.56
N GLU A 54 -77.03 -12.48 29.99
CA GLU A 54 -78.47 -12.40 30.20
C GLU A 54 -78.77 -12.17 31.68
N GLU A 55 -79.98 -11.68 31.97
CA GLU A 55 -80.31 -11.38 33.36
C GLU A 55 -81.60 -12.01 33.90
N ASP A 56 -82.60 -12.22 33.05
CA ASP A 56 -83.91 -12.68 33.50
C ASP A 56 -84.00 -14.20 33.62
N ASP A 57 -84.88 -14.66 34.51
CA ASP A 57 -85.23 -16.09 34.63
C ASP A 57 -84.04 -17.02 34.92
N ILE A 58 -83.02 -16.54 35.62
CA ILE A 58 -81.87 -17.34 35.99
C ILE A 58 -82.13 -18.07 37.31
N THR A 59 -81.91 -19.39 37.33
CA THR A 59 -82.07 -20.21 38.53
C THR A 59 -80.72 -20.81 38.93
N TRP A 60 -80.61 -21.19 40.22
CA TRP A 60 -79.38 -21.73 40.81
C TRP A 60 -79.66 -23.07 41.50
N THR A 61 -78.69 -23.98 41.41
CA THR A 61 -78.71 -25.28 42.08
C THR A 61 -77.38 -25.55 42.78
N SER A 62 -77.35 -26.56 43.65
CA SER A 62 -76.12 -26.95 44.37
C SER A 62 -75.92 -28.46 44.40
N ASP A 63 -74.65 -28.87 44.42
CA ASP A 63 -74.30 -30.29 44.48
C ASP A 63 -74.49 -30.88 45.88
N GLN A 64 -74.80 -30.04 46.86
CA GLN A 64 -75.14 -30.48 48.20
C GLN A 64 -76.64 -30.57 48.45
N ARG A 65 -77.47 -29.99 47.59
CA ARG A 65 -78.90 -29.80 47.85
C ARG A 65 -79.76 -30.09 46.64
N HIS A 66 -80.73 -31.00 46.76
CA HIS A 66 -81.63 -31.27 45.64
C HIS A 66 -82.54 -30.07 45.39
N GLY A 67 -82.84 -29.82 44.14
CA GLY A 67 -83.77 -28.78 43.75
C GLY A 67 -83.16 -27.41 43.52
N VAL A 68 -84.04 -26.44 43.29
CA VAL A 68 -83.66 -25.05 43.06
C VAL A 68 -83.59 -24.31 44.39
N ILE A 69 -82.46 -23.66 44.65
CA ILE A 69 -82.20 -22.97 45.91
C ILE A 69 -82.25 -21.46 45.78
N GLY A 70 -82.53 -20.92 44.61
CA GLY A 70 -82.57 -19.48 44.47
C GLY A 70 -82.72 -19.06 43.03
N SER A 71 -82.76 -17.74 42.85
CA SER A 71 -83.01 -17.16 41.54
C SER A 71 -82.39 -15.77 41.47
N GLY A 72 -82.29 -15.27 40.24
CA GLY A 72 -81.76 -13.97 39.92
C GLY A 72 -80.31 -14.03 39.45
N LYS A 73 -79.86 -12.88 38.94
CA LYS A 73 -78.49 -12.81 38.42
C LYS A 73 -77.46 -13.03 39.52
N THR A 74 -77.73 -12.54 40.73
CA THR A 74 -76.78 -12.65 41.83
C THR A 74 -77.44 -13.40 42.97
N LEU A 75 -76.79 -14.49 43.39
CA LEU A 75 -77.26 -15.30 44.50
C LEU A 75 -76.45 -14.93 45.74
N THR A 76 -77.16 -14.61 46.81
CA THR A 76 -76.57 -14.30 48.11
C THR A 76 -76.91 -15.46 49.02
N ILE A 77 -75.90 -16.10 49.59
CA ILE A 77 -76.09 -17.21 50.49
C ILE A 77 -75.22 -16.99 51.71
N THR A 78 -75.58 -17.69 52.78
CA THR A 78 -74.87 -17.68 54.05
C THR A 78 -74.25 -19.04 54.31
N VAL A 79 -72.94 -19.06 54.52
CA VAL A 79 -72.20 -20.31 54.66
C VAL A 79 -71.61 -20.41 56.06
N LYS A 80 -71.84 -21.57 56.69
CA LYS A 80 -71.23 -21.90 57.98
C LYS A 80 -70.80 -23.36 58.07
N GLU A 81 -71.45 -24.25 57.34
CA GLU A 81 -71.18 -25.68 57.30
C GLU A 81 -70.78 -26.09 55.89
N PHE A 82 -70.21 -27.29 55.77
CA PHE A 82 -69.79 -27.77 54.46
C PHE A 82 -70.96 -28.11 53.56
N LEU A 83 -72.19 -28.07 54.08
CA LEU A 83 -73.37 -28.22 53.23
C LEU A 83 -73.65 -26.97 52.43
N ASP A 84 -73.00 -25.86 52.77
CA ASP A 84 -73.13 -24.62 52.03
C ASP A 84 -71.98 -24.43 51.06
N ALA A 85 -71.16 -25.46 50.84
CA ALA A 85 -69.98 -25.36 50.00
C ALA A 85 -70.20 -26.17 48.74
N GLY A 86 -69.16 -26.32 47.94
CA GLY A 86 -69.25 -27.12 46.75
C GLY A 86 -69.58 -26.32 45.51
N GLN A 87 -69.98 -27.04 44.47
CA GLN A 87 -70.29 -26.45 43.18
C GLN A 87 -71.71 -25.87 43.12
N TYR A 88 -71.78 -24.59 42.75
CA TYR A 88 -73.03 -23.87 42.49
C TYR A 88 -73.12 -23.57 40.99
N THR A 89 -74.30 -23.83 40.41
CA THR A 89 -74.51 -23.71 38.96
C THR A 89 -75.76 -22.90 38.66
N CYS A 90 -75.63 -21.91 37.78
CA CYS A 90 -76.78 -21.12 37.34
C CYS A 90 -77.32 -21.69 36.03
N HIS A 91 -78.64 -21.57 35.83
CA HIS A 91 -79.28 -22.11 34.64
C HIS A 91 -80.32 -21.16 34.09
N LYS A 92 -80.59 -21.31 32.78
CA LYS A 92 -81.72 -20.64 32.15
C LYS A 92 -82.32 -21.55 31.09
N GLY A 93 -83.64 -21.75 31.16
CA GLY A 93 -84.34 -22.56 30.17
C GLY A 93 -83.93 -24.00 30.09
N GLY A 94 -83.33 -24.56 31.13
CA GLY A 94 -82.97 -25.96 31.08
C GLY A 94 -81.58 -26.23 30.59
N GLU A 95 -80.77 -25.22 30.34
CA GLU A 95 -79.38 -25.42 29.94
C GLU A 95 -78.44 -24.79 30.96
N THR A 96 -77.23 -25.34 31.04
CA THR A 96 -76.19 -24.82 31.92
C THR A 96 -75.61 -23.50 31.40
N LEU A 97 -75.32 -22.57 32.32
CA LEU A 97 -74.69 -21.31 31.94
C LEU A 97 -73.26 -21.16 32.43
N SER A 98 -73.01 -21.27 33.74
CA SER A 98 -71.67 -21.27 34.30
C SER A 98 -71.75 -21.88 35.70
N HIS A 99 -70.59 -22.06 36.34
CA HIS A 99 -70.57 -22.55 37.71
C HIS A 99 -69.53 -21.78 38.53
N SER A 100 -69.69 -21.88 39.84
CA SER A 100 -68.68 -21.46 40.80
C SER A 100 -68.59 -22.56 41.84
N HIS A 101 -67.37 -22.83 42.32
CA HIS A 101 -67.13 -23.86 43.32
C HIS A 101 -66.65 -23.16 44.59
N LEU A 102 -67.24 -23.47 45.73
CA LEU A 102 -66.84 -22.86 47.00
C LEU A 102 -66.05 -23.81 47.88
N LEU A 103 -64.86 -23.38 48.29
CA LEU A 103 -64.01 -24.07 49.24
C LEU A 103 -64.02 -23.34 50.57
N LEU A 104 -64.05 -24.09 51.67
CA LEU A 104 -64.08 -23.53 53.02
C LEU A 104 -62.75 -23.64 53.76
N HIS A 105 -62.29 -22.52 54.35
CA HIS A 105 -61.08 -22.49 55.16
C HIS A 105 -61.48 -22.25 56.62
N LYS A 106 -61.32 -23.27 57.48
CA LYS A 106 -61.77 -23.17 58.86
C LYS A 106 -60.79 -22.34 59.66
N LYS A 107 -61.28 -21.39 60.44
CA LYS A 107 -60.47 -20.68 61.42
C LYS A 107 -61.16 -20.81 62.77
N GLU A 108 -60.73 -21.77 63.57
CA GLU A 108 -61.35 -22.06 64.85
C GLU A 108 -60.54 -21.49 66.01
N ASN A 109 -61.17 -20.66 66.82
CA ASN A 109 -60.49 -19.99 67.93
C ASN A 109 -59.34 -19.11 67.46
N GLY A 110 -59.43 -18.59 66.25
CA GLY A 110 -58.41 -17.76 65.67
C GLY A 110 -57.29 -18.50 64.97
N ILE A 111 -57.33 -19.83 64.97
CA ILE A 111 -56.29 -20.70 64.43
C ILE A 111 -56.79 -21.37 63.18
N TRP A 112 -56.06 -21.20 62.08
CA TRP A 112 -56.41 -21.90 60.85
C TRP A 112 -56.23 -23.40 61.04
N SER A 113 -57.10 -24.17 60.41
CA SER A 113 -57.10 -25.61 60.59
C SER A 113 -55.93 -26.25 59.88
N THR A 114 -55.38 -27.28 60.52
CA THR A 114 -54.26 -28.05 60.03
C THR A 114 -54.63 -29.53 59.95
N GLU A 115 -55.90 -29.80 59.70
CA GLU A 115 -56.47 -31.12 59.85
C GLU A 115 -56.28 -32.03 58.66
N ILE A 116 -55.79 -31.52 57.53
CA ILE A 116 -55.60 -32.38 56.37
C ILE A 116 -54.34 -33.21 56.49
N LEU A 117 -53.30 -32.64 57.04
CA LEU A 117 -52.00 -33.27 57.08
C LEU A 117 -51.71 -33.82 58.48
N LYS A 118 -50.92 -34.88 58.51
CA LYS A 118 -50.46 -35.48 59.75
C LYS A 118 -49.03 -35.00 59.94
N ASN A 119 -48.77 -34.41 61.10
CA ASN A 119 -47.42 -33.99 61.45
C ASN A 119 -46.55 -35.22 61.71
N PHE A 120 -45.24 -35.01 61.57
CA PHE A 120 -44.26 -36.08 61.69
C PHE A 120 -43.95 -36.28 63.17
N LYS A 121 -42.94 -37.08 63.53
CA LYS A 121 -42.68 -37.25 64.97
C LYS A 121 -42.30 -35.92 65.59
N ASN A 122 -41.45 -35.15 64.95
CA ASN A 122 -41.29 -33.77 65.37
C ASN A 122 -42.51 -33.05 64.82
N LYS A 123 -42.97 -32.02 65.50
CA LYS A 123 -44.27 -31.49 65.06
C LYS A 123 -44.15 -30.54 63.86
N THR A 124 -43.78 -31.12 62.71
CA THR A 124 -43.72 -30.36 61.47
C THR A 124 -44.58 -31.04 60.43
N PHE A 125 -45.17 -30.26 59.55
CA PHE A 125 -46.00 -30.86 58.52
C PHE A 125 -45.25 -31.04 57.23
N LEU A 126 -44.33 -30.15 56.96
CA LEU A 126 -43.50 -30.19 55.75
C LEU A 126 -42.07 -30.53 56.12
N LYS A 127 -41.49 -31.50 55.43
CA LYS A 127 -40.09 -31.86 55.62
C LYS A 127 -39.37 -31.86 54.29
N CYS A 128 -38.24 -31.16 54.22
CA CYS A 128 -37.53 -31.05 52.96
C CYS A 128 -36.12 -31.58 53.11
N GLU A 129 -35.63 -32.17 52.01
CA GLU A 129 -34.33 -32.78 51.97
C GLU A 129 -33.70 -32.48 50.64
N ALA A 130 -32.40 -32.27 50.64
CA ALA A 130 -31.62 -32.00 49.43
C ALA A 130 -30.48 -33.00 49.40
N PRO A 131 -30.30 -33.75 48.30
CA PRO A 131 -29.17 -34.72 48.24
C PRO A 131 -27.81 -34.05 48.04
N ASN A 132 -27.79 -32.79 47.62
CA ASN A 132 -26.58 -32.06 47.25
C ASN A 132 -26.89 -30.56 47.28
N TYR A 133 -25.89 -29.77 46.88
CA TYR A 133 -25.97 -28.32 46.90
C TYR A 133 -26.30 -27.71 45.54
N SER A 134 -26.85 -28.50 44.62
CA SER A 134 -27.17 -28.08 43.25
C SER A 134 -28.44 -27.28 43.12
N GLY A 135 -29.18 -27.10 44.21
CA GLY A 135 -30.43 -26.35 44.18
C GLY A 135 -31.65 -27.21 44.02
N ARG A 136 -31.48 -28.51 43.93
CA ARG A 136 -32.55 -29.47 43.84
C ARG A 136 -32.84 -30.04 45.22
N PHE A 137 -34.12 -30.09 45.58
CA PHE A 137 -34.55 -30.60 46.86
C PHE A 137 -35.96 -31.15 46.69
N THR A 138 -36.39 -31.96 47.67
CA THR A 138 -37.74 -32.52 47.70
C THR A 138 -38.41 -32.22 49.04
N CYS A 139 -39.74 -32.02 49.04
CA CYS A 139 -40.52 -31.83 50.26
C CYS A 139 -41.62 -32.88 50.32
N SER A 140 -41.94 -33.27 51.54
CA SER A 140 -42.90 -34.34 51.78
C SER A 140 -43.81 -34.03 52.95
N TRP A 141 -44.95 -34.69 52.96
CA TRP A 141 -45.93 -34.53 54.02
C TRP A 141 -46.75 -35.81 54.12
N LEU A 142 -47.45 -35.94 55.23
CA LEU A 142 -48.31 -37.09 55.48
C LEU A 142 -49.77 -36.64 55.49
N VAL A 143 -50.70 -37.55 55.18
CA VAL A 143 -52.11 -37.20 55.14
C VAL A 143 -52.91 -38.05 56.11
N GLN A 144 -53.91 -37.43 56.75
CA GLN A 144 -54.81 -38.10 57.68
C GLN A 144 -55.77 -39.04 56.96
N ARG A 145 -56.23 -38.65 55.77
CA ARG A 145 -57.05 -39.53 54.95
C ARG A 145 -56.55 -39.36 53.53
N ASN A 146 -56.36 -40.45 52.79
CA ASN A 146 -55.95 -40.37 51.38
C ASN A 146 -57.10 -40.54 50.40
N MET A 147 -57.92 -39.49 50.32
CA MET A 147 -59.08 -39.51 49.44
C MET A 147 -59.46 -38.11 48.99
N ASP A 148 -59.68 -37.96 47.68
CA ASP A 148 -60.13 -36.71 47.07
C ASP A 148 -59.27 -35.49 47.44
N LEU A 149 -57.95 -35.67 47.30
CA LEU A 149 -56.92 -34.71 47.67
C LEU A 149 -56.37 -33.98 46.45
N LYS A 150 -56.11 -32.67 46.58
CA LYS A 150 -55.34 -31.90 45.61
C LYS A 150 -54.26 -31.10 46.35
N PHE A 151 -53.07 -31.01 45.76
CA PHE A 151 -51.97 -30.28 46.38
C PHE A 151 -51.36 -29.35 45.34
N ASN A 152 -50.92 -28.18 45.82
CA ASN A 152 -50.15 -27.21 45.06
C ASN A 152 -49.09 -26.60 45.97
N ILE A 153 -47.85 -26.59 45.51
CA ILE A 153 -46.75 -26.02 46.28
C ILE A 153 -46.00 -25.03 45.39
N LYS A 154 -45.70 -23.85 45.95
CA LYS A 154 -45.09 -22.79 45.16
C LYS A 154 -44.30 -21.87 46.10
N SER A 155 -43.43 -21.04 45.52
CA SER A 155 -42.76 -20.02 46.32
C SER A 155 -43.71 -19.06 46.99
N SER A 156 -43.51 -18.82 48.28
CA SER A 156 -44.38 -17.90 48.99
C SER A 156 -43.76 -16.48 48.92
N SER A 157 -44.60 -15.49 49.26
CA SER A 157 -44.27 -14.07 49.31
C SER A 157 -43.99 -13.46 47.94
N SER A 158 -43.11 -14.09 47.15
CA SER A 158 -42.75 -13.59 45.84
C SER A 158 -42.44 -12.08 45.88
N SER A 159 -41.78 -11.64 46.96
CA SER A 159 -41.34 -10.24 47.11
C SER A 159 -40.00 -10.09 46.37
N PRO A 160 -39.53 -8.88 46.11
CA PRO A 160 -38.17 -8.77 45.55
C PRO A 160 -37.18 -9.34 46.53
N ASP A 161 -36.05 -9.81 45.98
CA ASP A 161 -34.95 -10.50 46.65
C ASP A 161 -35.36 -11.86 47.19
N SER A 162 -36.56 -12.34 46.86
CA SER A 162 -36.97 -13.68 47.24
C SER A 162 -36.31 -14.72 46.35
N ARG A 163 -36.07 -15.88 46.94
CA ARG A 163 -35.43 -16.98 46.23
C ARG A 163 -36.48 -17.74 45.44
N ALA A 164 -36.47 -17.51 44.15
CA ALA A 164 -37.44 -18.09 43.22
C ALA A 164 -37.18 -19.58 43.10
N VAL A 165 -38.25 -20.36 43.20
CA VAL A 165 -38.20 -21.82 43.16
C VAL A 165 -39.29 -22.31 42.23
N THR A 166 -38.96 -23.27 41.37
CA THR A 166 -39.95 -23.93 40.52
C THR A 166 -40.23 -25.34 41.01
N CYS A 167 -41.49 -25.64 41.31
CA CYS A 167 -41.85 -26.97 41.77
C CYS A 167 -42.74 -27.75 40.81
N GLY A 168 -42.62 -29.08 40.90
CA GLY A 168 -43.44 -30.00 40.14
C GLY A 168 -44.72 -30.35 40.87
N MET A 169 -45.39 -31.38 40.34
CA MET A 169 -46.59 -31.92 40.96
C MET A 169 -46.27 -32.94 42.04
N ALA A 170 -47.12 -32.95 43.06
CA ALA A 170 -46.99 -33.90 44.15
C ALA A 170 -47.35 -35.31 43.67
N SER A 171 -46.67 -36.30 44.25
CA SER A 171 -46.93 -37.69 43.94
C SER A 171 -47.05 -38.51 45.22
N LEU A 172 -47.80 -39.61 45.12
CA LEU A 172 -48.02 -40.53 46.22
C LEU A 172 -46.95 -41.61 46.27
N SER A 173 -46.34 -41.76 47.42
CA SER A 173 -45.40 -42.84 47.65
C SER A 173 -46.15 -44.14 47.93
N ALA A 174 -45.65 -45.24 47.38
CA ALA A 174 -46.18 -46.57 47.69
C ALA A 174 -45.84 -46.98 49.11
N GLU A 175 -44.68 -46.55 49.59
CA GLU A 175 -44.27 -46.84 50.95
C GLU A 175 -45.01 -45.90 51.89
N LYS A 176 -45.66 -46.47 52.89
CA LYS A 176 -46.38 -45.68 53.89
C LYS A 176 -45.46 -45.46 55.08
N VAL A 177 -45.76 -44.45 55.88
CA VAL A 177 -44.91 -44.09 57.00
C VAL A 177 -45.66 -44.43 58.27
N THR A 178 -45.10 -45.35 59.05
CA THR A 178 -45.71 -45.76 60.31
C THR A 178 -45.41 -44.69 61.34
N LEU A 179 -46.45 -44.14 61.96
CA LEU A 179 -46.32 -43.22 63.09
C LEU A 179 -47.19 -43.79 64.19
N ASP A 180 -46.59 -44.08 65.33
CA ASP A 180 -47.27 -44.71 66.45
C ASP A 180 -47.84 -46.07 66.04
N GLN A 181 -49.12 -46.12 65.69
CA GLN A 181 -49.80 -47.37 65.35
C GLN A 181 -50.50 -47.35 64.00
N ARG A 182 -50.25 -46.33 63.19
CA ARG A 182 -50.94 -46.13 61.92
C ARG A 182 -49.96 -45.91 60.78
N ASP A 183 -50.29 -46.45 59.61
CA ASP A 183 -49.50 -46.27 58.40
C ASP A 183 -50.08 -45.08 57.61
N TYR A 184 -49.50 -43.90 57.78
CA TYR A 184 -49.98 -42.72 57.05
C TYR A 184 -49.43 -42.66 55.63
N GLU A 185 -50.23 -42.23 54.64
CA GLU A 185 -49.67 -42.17 53.29
C GLU A 185 -48.96 -40.85 53.12
N LYS A 186 -47.85 -40.91 52.38
CA LYS A 186 -46.93 -39.78 52.25
C LYS A 186 -46.96 -39.29 50.82
N TYR A 187 -47.03 -37.98 50.66
CA TYR A 187 -46.89 -37.31 49.40
C TYR A 187 -45.59 -36.54 49.44
N SER A 188 -44.93 -36.43 48.30
CA SER A 188 -43.66 -35.72 48.16
C SER A 188 -43.66 -35.00 46.82
N VAL A 189 -42.86 -33.94 46.72
CA VAL A 189 -42.78 -33.14 45.48
C VAL A 189 -41.34 -32.66 45.32
N SER A 190 -40.84 -32.62 44.07
CA SER A 190 -39.50 -32.13 43.78
C SER A 190 -39.55 -30.69 43.27
N CYS A 191 -38.60 -29.88 43.74
CA CYS A 191 -38.45 -28.47 43.46
C CYS A 191 -37.01 -28.21 43.05
N GLN A 192 -36.81 -27.13 42.28
CA GLN A 192 -35.50 -26.70 41.81
C GLN A 192 -35.41 -25.18 41.98
N GLU A 193 -34.35 -24.70 42.64
CA GLU A 193 -34.10 -23.27 42.68
C GLU A 193 -33.72 -22.75 41.30
N ASP A 194 -34.33 -21.63 40.88
CA ASP A 194 -34.13 -21.20 39.51
C ASP A 194 -32.72 -20.72 39.23
N VAL A 195 -32.07 -20.12 40.20
CA VAL A 195 -30.69 -19.66 40.06
C VAL A 195 -29.90 -20.10 41.28
N THR A 196 -28.70 -20.60 41.03
CA THR A 196 -27.81 -21.08 42.07
C THR A 196 -26.44 -20.53 41.73
N CYS A 197 -25.59 -20.45 42.74
CA CYS A 197 -24.20 -20.04 42.53
C CYS A 197 -23.36 -20.71 43.61
N PRO A 198 -23.16 -22.04 43.51
CA PRO A 198 -23.24 -22.90 44.70
C PRO A 198 -22.18 -22.64 45.75
N THR A 199 -21.09 -21.95 45.40
CA THR A 199 -20.13 -21.56 46.41
C THR A 199 -20.67 -20.45 47.31
N ALA A 200 -21.54 -19.59 46.78
CA ALA A 200 -22.03 -18.44 47.52
C ALA A 200 -22.89 -18.82 48.72
N GLU A 201 -22.73 -18.02 49.78
CA GLU A 201 -23.46 -18.19 51.01
C GLU A 201 -24.88 -17.70 50.84
N GLU A 202 -25.79 -18.42 51.44
CA GLU A 202 -27.23 -18.16 51.43
C GLU A 202 -27.62 -17.10 52.46
N THR A 203 -27.91 -15.87 52.00
CA THR A 203 -28.28 -14.80 52.93
C THR A 203 -29.77 -14.79 53.26
N LEU A 204 -30.61 -15.43 52.46
CA LEU A 204 -32.05 -15.47 52.70
C LEU A 204 -32.53 -16.90 52.58
N PRO A 205 -33.55 -17.26 53.33
CA PRO A 205 -34.07 -18.61 53.22
C PRO A 205 -34.96 -18.74 52.00
N ILE A 206 -35.24 -19.98 51.68
CA ILE A 206 -36.27 -20.31 50.71
C ILE A 206 -37.58 -20.48 51.48
N GLU A 207 -38.60 -19.76 51.04
CA GLU A 207 -39.92 -19.78 51.68
C GLU A 207 -40.90 -20.42 50.71
N LEU A 208 -41.59 -21.47 51.17
CA LEU A 208 -42.53 -22.22 50.36
C LEU A 208 -43.89 -22.33 51.05
N ALA A 209 -44.94 -22.47 50.26
CA ALA A 209 -46.28 -22.69 50.78
C ALA A 209 -46.95 -23.86 50.08
N LEU A 210 -47.58 -24.73 50.87
CA LEU A 210 -48.36 -25.83 50.32
C LEU A 210 -49.85 -25.51 50.49
N GLU A 211 -50.60 -25.58 49.40
CA GLU A 211 -52.04 -25.50 49.46
C GLU A 211 -52.55 -26.93 49.46
N ALA A 212 -53.45 -27.24 50.37
CA ALA A 212 -53.99 -28.59 50.48
C ALA A 212 -55.50 -28.54 50.43
N ARG A 213 -56.08 -29.38 49.57
CA ARG A 213 -57.51 -29.47 49.45
C ARG A 213 -57.98 -30.91 49.58
N GLN A 214 -59.09 -31.07 50.26
CA GLN A 214 -59.74 -32.36 50.42
C GLN A 214 -61.24 -32.10 50.40
N GLN A 215 -61.87 -32.63 49.37
CA GLN A 215 -63.28 -32.42 49.09
C GLN A 215 -63.47 -30.91 49.02
N ASN A 216 -64.22 -30.32 49.96
CA ASN A 216 -64.51 -28.89 49.99
C ASN A 216 -63.74 -28.09 51.02
N LYS A 217 -62.65 -28.64 51.55
CA LYS A 217 -61.86 -27.99 52.59
C LYS A 217 -60.57 -27.43 52.01
N TYR A 218 -60.23 -26.22 52.42
CA TYR A 218 -58.97 -25.57 52.03
C TYR A 218 -58.15 -25.35 53.29
N GLU A 219 -56.87 -25.69 53.20
CA GLU A 219 -55.87 -25.42 54.22
C GLU A 219 -54.59 -25.04 53.50
N ASN A 220 -53.69 -24.35 54.19
CA ASN A 220 -52.39 -24.17 53.58
C ASN A 220 -51.28 -24.12 54.60
N TYR A 221 -50.08 -24.48 54.16
CA TYR A 221 -49.00 -24.77 55.09
C TYR A 221 -47.76 -24.05 54.54
N SER A 222 -46.85 -23.68 55.44
CA SER A 222 -45.66 -22.98 55.00
C SER A 222 -44.43 -23.48 55.72
N THR A 223 -43.29 -23.34 55.06
CA THR A 223 -42.02 -23.71 55.66
C THR A 223 -40.95 -22.80 55.05
N SER A 224 -39.85 -22.58 55.78
CA SER A 224 -38.74 -21.78 55.26
C SER A 224 -37.44 -22.41 55.73
N PHE A 225 -36.43 -22.41 54.87
CA PHE A 225 -35.18 -23.09 55.16
C PHE A 225 -34.07 -22.60 54.26
N PHE A 226 -32.84 -22.97 54.63
CA PHE A 226 -31.65 -22.79 53.81
C PHE A 226 -31.23 -24.18 53.30
N ILE A 227 -30.70 -24.23 52.08
CA ILE A 227 -30.30 -25.52 51.52
C ILE A 227 -29.27 -26.21 52.42
N ARG A 228 -28.32 -25.46 53.00
CA ARG A 228 -27.29 -26.05 53.85
C ARG A 228 -27.88 -26.81 55.03
N ASP A 229 -29.06 -26.40 55.51
CA ASP A 229 -29.68 -27.07 56.65
C ASP A 229 -30.32 -28.40 56.25
N ILE A 230 -30.83 -28.54 55.02
CA ILE A 230 -31.57 -29.75 54.66
C ILE A 230 -30.76 -30.74 53.83
N ILE A 231 -29.45 -30.54 53.72
CA ILE A 231 -28.62 -31.50 53.00
C ILE A 231 -28.68 -32.86 53.69
N LYS A 232 -29.04 -33.88 52.93
CA LYS A 232 -29.00 -35.26 53.42
C LYS A 232 -28.36 -36.06 52.30
N PRO A 233 -27.05 -36.26 52.36
CA PRO A 233 -26.38 -37.00 51.29
C PRO A 233 -26.91 -38.42 51.13
N ASP A 234 -26.70 -38.98 49.94
CA ASP A 234 -27.09 -40.35 49.67
C ASP A 234 -26.16 -41.29 50.42
N PRO A 235 -26.60 -42.52 50.65
CA PRO A 235 -25.74 -43.48 51.36
C PRO A 235 -24.50 -43.82 50.56
N PRO A 236 -23.38 -44.13 51.22
CA PRO A 236 -22.16 -44.47 50.49
C PRO A 236 -22.31 -45.68 49.59
N LYS A 237 -21.59 -45.65 48.46
CA LYS A 237 -21.70 -46.67 47.43
C LYS A 237 -20.52 -47.65 47.43
N ASN A 238 -20.75 -48.81 46.80
CA ASN A 238 -19.70 -49.82 46.56
C ASN A 238 -18.96 -50.20 47.84
N LEU A 239 -19.71 -50.42 48.91
CA LEU A 239 -19.12 -50.88 50.16
C LEU A 239 -18.64 -52.33 50.01
N GLN A 240 -17.35 -52.58 50.31
CA GLN A 240 -16.69 -53.86 50.10
C GLN A 240 -15.88 -54.31 51.32
N MET A 241 -15.57 -55.60 51.33
CA MET A 241 -14.82 -56.22 52.41
C MET A 241 -13.62 -56.97 51.84
N LYS A 242 -12.43 -56.71 52.38
CA LYS A 242 -11.25 -57.43 51.96
C LYS A 242 -10.62 -57.99 53.23
N PRO A 243 -10.40 -59.30 53.31
CA PRO A 243 -9.85 -59.90 54.53
C PRO A 243 -8.37 -59.64 54.69
N LEU A 244 -7.94 -59.61 55.96
CA LEU A 244 -6.54 -59.42 56.31
C LEU A 244 -6.17 -60.43 57.40
N LYS A 245 -4.88 -60.53 57.68
CA LYS A 245 -4.42 -61.45 58.71
C LYS A 245 -4.91 -60.99 60.07
N ASN A 246 -5.09 -61.96 60.99
CA ASN A 246 -5.55 -61.70 62.35
C ASN A 246 -6.99 -61.21 62.42
N SER A 247 -7.86 -61.79 61.58
CA SER A 247 -9.29 -61.52 61.58
C SER A 247 -9.63 -60.07 61.29
N GLN A 248 -8.66 -59.30 60.84
CA GLN A 248 -8.93 -57.95 60.38
C GLN A 248 -9.58 -58.03 59.01
N VAL A 249 -10.43 -57.07 58.72
CA VAL A 249 -10.93 -56.88 57.37
C VAL A 249 -10.81 -55.41 57.01
N GLU A 250 -10.52 -55.16 55.73
CA GLU A 250 -10.55 -53.81 55.21
C GLU A 250 -11.95 -53.50 54.70
N VAL A 251 -12.49 -52.37 55.10
CA VAL A 251 -13.80 -51.93 54.66
C VAL A 251 -13.61 -50.61 53.93
N SER A 252 -14.24 -50.49 52.77
CA SER A 252 -14.02 -49.35 51.90
C SER A 252 -15.29 -49.03 51.14
N TRP A 253 -15.41 -47.77 50.76
CA TRP A 253 -16.61 -47.25 50.12
C TRP A 253 -16.24 -46.02 49.31
N GLU A 254 -17.22 -45.48 48.58
CA GLU A 254 -17.05 -44.27 47.80
C GLU A 254 -18.15 -43.25 48.12
N TYR A 255 -17.86 -42.00 47.75
CA TYR A 255 -18.82 -40.91 47.83
C TYR A 255 -19.96 -41.27 46.89
N PRO A 256 -21.20 -40.95 47.23
CA PRO A 256 -22.30 -41.27 46.31
C PRO A 256 -22.29 -40.37 45.09
N ASP A 257 -22.90 -40.89 44.01
CA ASP A 257 -22.85 -40.19 42.74
C ASP A 257 -23.71 -38.95 42.73
N SER A 258 -24.61 -38.82 43.69
CA SER A 258 -25.49 -37.67 43.78
C SER A 258 -24.81 -36.47 44.40
N TRP A 259 -23.67 -36.69 45.05
CA TRP A 259 -23.00 -35.68 45.86
C TRP A 259 -22.31 -34.65 44.98
N SER A 260 -22.30 -33.41 45.47
CA SER A 260 -21.69 -32.32 44.75
C SER A 260 -20.18 -32.47 44.63
N THR A 261 -19.65 -32.04 43.50
CA THR A 261 -18.25 -32.13 43.18
C THR A 261 -17.72 -30.73 42.95
N PRO A 262 -16.41 -30.52 43.09
CA PRO A 262 -15.40 -31.52 43.48
C PRO A 262 -15.47 -31.98 44.94
N HIS A 263 -15.11 -33.22 45.19
CA HIS A 263 -15.19 -33.73 46.55
C HIS A 263 -14.09 -33.14 47.43
N SER A 264 -13.07 -32.51 46.82
CA SER A 264 -12.05 -31.76 47.56
C SER A 264 -12.63 -30.56 48.27
N TYR A 265 -13.70 -29.99 47.74
CA TYR A 265 -14.38 -28.86 48.35
C TYR A 265 -15.61 -29.35 49.10
N PHE A 266 -16.44 -30.13 48.44
CA PHE A 266 -17.64 -30.71 49.05
C PHE A 266 -17.20 -32.06 49.59
N SER A 267 -16.82 -32.09 50.85
CA SER A 267 -16.25 -33.28 51.44
C SER A 267 -17.25 -33.83 52.45
N LEU A 268 -17.19 -35.13 52.65
CA LEU A 268 -18.04 -35.87 53.56
C LEU A 268 -17.19 -36.53 54.63
N LYS A 269 -17.75 -36.61 55.85
CA LYS A 269 -17.21 -37.43 56.92
C LYS A 269 -18.14 -38.60 57.16
N PHE A 270 -17.59 -39.75 57.57
CA PHE A 270 -18.36 -40.98 57.66
C PHE A 270 -18.32 -41.53 59.10
N PHE A 271 -19.32 -42.36 59.44
CA PHE A 271 -19.40 -43.00 60.75
C PHE A 271 -19.65 -44.48 60.55
N VAL A 272 -18.73 -45.30 61.07
CA VAL A 272 -18.74 -46.76 60.88
C VAL A 272 -19.21 -47.46 62.16
N ARG A 273 -20.11 -48.43 62.00
CA ARG A 273 -20.78 -49.15 63.07
C ARG A 273 -20.84 -50.65 62.83
N ILE A 274 -20.66 -51.44 63.90
CA ILE A 274 -20.77 -52.89 63.86
C ILE A 274 -22.12 -53.34 64.45
N GLN A 275 -22.86 -54.16 63.70
CA GLN A 275 -24.09 -54.80 64.15
C GLN A 275 -23.91 -56.29 64.47
N ARG A 276 -24.32 -56.70 65.68
CA ARG A 276 -24.29 -58.13 66.02
C ARG A 276 -25.39 -58.92 65.32
N LYS A 277 -26.59 -58.33 65.17
CA LYS A 277 -27.72 -59.02 64.52
C LYS A 277 -27.61 -59.02 63.00
N GLU A 285 -34.95 -44.37 64.90
CA GLU A 285 -33.63 -44.97 64.84
C GLU A 285 -33.02 -44.92 63.43
N GLU A 286 -32.89 -43.69 62.89
CA GLU A 286 -32.46 -43.52 61.50
C GLU A 286 -31.73 -42.20 61.26
N GLY A 287 -31.34 -41.47 62.31
CA GLY A 287 -30.94 -40.07 62.24
C GLY A 287 -29.68 -39.75 63.01
N CYS A 288 -28.53 -40.07 62.45
CA CYS A 288 -27.27 -39.54 62.90
C CYS A 288 -26.78 -40.06 64.25
N ASN A 289 -27.40 -39.64 65.35
CA ASN A 289 -26.83 -39.92 66.66
C ASN A 289 -27.57 -41.07 67.34
N GLN A 290 -28.43 -41.78 66.59
CA GLN A 290 -29.20 -42.87 67.16
C GLN A 290 -28.40 -44.13 67.36
N LYS A 291 -27.16 -44.18 66.92
CA LYS A 291 -26.34 -45.36 67.09
C LYS A 291 -24.94 -44.93 67.48
N GLY A 292 -24.29 -45.69 68.37
CA GLY A 292 -22.89 -45.40 68.68
C GLY A 292 -22.02 -45.93 67.55
N ALA A 293 -21.03 -45.13 67.16
CA ALA A 293 -20.20 -45.50 66.02
C ALA A 293 -18.91 -44.71 66.06
N PHE A 294 -17.96 -45.12 65.23
CA PHE A 294 -16.65 -44.48 65.15
CA PHE A 294 -16.68 -44.43 65.17
C PHE A 294 -16.55 -43.69 63.84
N LEU A 295 -15.80 -42.60 63.90
CA LEU A 295 -15.74 -41.58 62.87
C LEU A 295 -14.50 -41.70 62.01
N VAL A 296 -14.70 -41.72 60.71
CA VAL A 296 -13.58 -41.72 59.78
C VAL A 296 -13.93 -40.78 58.64
N GLU A 297 -12.97 -39.94 58.24
CA GLU A 297 -13.12 -38.98 57.15
C GLU A 297 -12.59 -39.49 55.82
N LYS A 298 -11.83 -40.58 55.86
CA LYS A 298 -11.27 -41.33 54.74
C LYS A 298 -12.34 -42.32 54.27
N THR A 299 -12.22 -42.75 53.03
CA THR A 299 -13.21 -43.67 52.50
C THR A 299 -12.93 -45.13 52.84
N SER A 300 -12.00 -45.42 53.75
CA SER A 300 -11.77 -46.81 54.14
C SER A 300 -11.21 -46.91 55.55
N THR A 301 -11.55 -48.01 56.23
CA THR A 301 -11.02 -48.33 57.54
C THR A 301 -10.81 -49.82 57.59
N GLU A 302 -10.09 -50.25 58.60
CA GLU A 302 -9.99 -51.66 58.95
C GLU A 302 -10.61 -51.89 60.31
N VAL A 303 -11.29 -53.03 60.43
CA VAL A 303 -12.07 -53.37 61.61
C VAL A 303 -12.09 -54.88 61.78
N GLN A 304 -12.11 -55.33 63.03
CA GLN A 304 -12.19 -56.75 63.37
C GLN A 304 -13.58 -57.16 63.85
N CYS A 305 -14.48 -57.51 62.92
CA CYS A 305 -15.80 -57.99 63.34
C CYS A 305 -15.86 -59.50 63.56
N LYS A 306 -15.35 -60.30 62.61
CA LYS A 306 -15.39 -61.76 62.70
C LYS A 306 -16.80 -62.27 63.01
N GLY A 307 -17.81 -61.59 62.45
CA GLY A 307 -19.19 -62.00 62.66
C GLY A 307 -20.14 -60.84 62.86
N GLY A 308 -21.18 -60.75 62.02
CA GLY A 308 -22.17 -59.68 62.10
C GLY A 308 -22.15 -58.83 60.84
N ASN A 309 -22.55 -57.57 61.00
CA ASN A 309 -22.57 -56.59 59.93
C ASN A 309 -21.77 -55.36 60.29
N VAL A 310 -21.30 -54.68 59.25
CA VAL A 310 -20.60 -53.40 59.36
C VAL A 310 -21.40 -52.36 58.59
N CYS A 311 -21.78 -51.26 59.25
CA CYS A 311 -22.61 -50.24 58.61
C CYS A 311 -21.88 -48.91 58.59
N VAL A 312 -22.20 -48.07 57.60
CA VAL A 312 -21.62 -46.73 57.48
C VAL A 312 -22.67 -45.73 56.99
N GLN A 313 -22.63 -44.53 57.55
CA GLN A 313 -23.43 -43.39 57.11
C GLN A 313 -22.51 -42.19 56.85
N ALA A 314 -23.03 -41.20 56.13
CA ALA A 314 -22.24 -40.04 55.74
C ALA A 314 -22.89 -38.72 56.12
N GLN A 315 -22.05 -37.75 56.48
CA GLN A 315 -22.49 -36.39 56.77
C GLN A 315 -21.58 -35.36 56.11
N ASP A 316 -22.13 -34.20 55.78
CA ASP A 316 -21.28 -33.11 55.33
C ASP A 316 -20.23 -32.81 56.38
N ARG A 317 -18.98 -32.62 55.94
CA ARG A 317 -17.87 -32.45 56.88
C ARG A 317 -17.85 -31.10 57.59
N TYR A 318 -18.22 -30.01 56.90
CA TYR A 318 -18.06 -28.67 57.44
C TYR A 318 -19.34 -28.02 57.91
N TYR A 319 -20.47 -28.72 57.84
CA TYR A 319 -21.74 -28.17 58.30
C TYR A 319 -22.49 -29.39 58.83
N ASN A 320 -23.19 -29.21 59.95
CA ASN A 320 -23.88 -30.33 60.58
C ASN A 320 -25.29 -30.51 60.01
N SER A 321 -25.29 -31.01 58.78
CA SER A 321 -26.48 -31.33 58.01
C SER A 321 -26.99 -32.69 58.43
N SER A 322 -28.10 -33.10 57.83
CA SER A 322 -28.65 -34.42 58.11
C SER A 322 -27.75 -35.53 57.54
N CYS A 323 -27.79 -36.69 58.19
CA CYS A 323 -26.95 -37.80 57.79
C CYS A 323 -27.66 -38.66 56.75
N SER A 324 -26.86 -39.35 55.94
CA SER A 324 -27.37 -40.34 55.02
C SER A 324 -27.93 -41.56 55.75
N LYS A 325 -28.71 -42.32 55.01
CA LYS A 325 -29.13 -43.63 55.48
C LYS A 325 -27.90 -44.54 55.59
N TRP A 326 -28.01 -45.55 56.44
CA TRP A 326 -26.93 -46.51 56.62
C TRP A 326 -26.78 -47.42 55.41
N ALA A 327 -25.55 -47.61 54.96
CA ALA A 327 -25.22 -48.65 54.00
C ALA A 327 -24.53 -49.77 54.76
N CYS A 328 -25.01 -51.01 54.60
CA CYS A 328 -24.49 -52.13 55.37
C CYS A 328 -24.07 -53.29 54.48
N VAL A 329 -22.99 -53.98 54.88
CA VAL A 329 -22.53 -55.20 54.21
C VAL A 329 -22.19 -56.24 55.27
N PRO A 330 -22.32 -57.52 54.93
CA PRO A 330 -22.02 -58.57 55.91
C PRO A 330 -20.53 -58.78 56.14
N CYS A 331 -20.23 -59.22 57.36
CA CYS A 331 -18.91 -59.66 57.77
C CYS A 331 -18.89 -61.18 57.69
N ARG A 332 -18.43 -61.71 56.55
CA ARG A 332 -18.53 -63.15 56.31
C ARG A 332 -17.62 -63.93 57.26
N VAL A 333 -18.14 -65.05 57.76
CA VAL A 333 -17.37 -65.96 58.60
C VAL A 333 -17.29 -67.33 57.93
N MET B 23 -26.83 -4.84 -0.56
CA MET B 23 -26.20 -3.70 0.17
C MET B 23 -26.94 -3.49 1.49
N TRP B 24 -26.20 -3.18 2.56
CA TRP B 24 -26.84 -2.91 3.88
C TRP B 24 -26.09 -1.80 4.60
N GLU B 25 -26.70 -1.21 5.63
CA GLU B 25 -26.06 -0.12 6.36
C GLU B 25 -25.36 -0.62 7.61
N LEU B 26 -24.09 -0.24 7.76
CA LEU B 26 -23.28 -0.63 8.90
C LEU B 26 -23.41 0.37 10.04
N GLU B 27 -23.35 1.66 9.71
CA GLU B 27 -23.54 2.76 10.64
C GLU B 27 -23.96 3.95 9.80
N LYS B 28 -24.31 5.04 10.46
CA LYS B 28 -24.87 6.19 9.75
C LYS B 28 -23.98 6.61 8.58
N ASP B 29 -24.59 6.65 7.39
CA ASP B 29 -23.94 7.07 6.15
C ASP B 29 -22.78 6.15 5.74
N VAL B 30 -22.71 4.94 6.29
CA VAL B 30 -21.68 3.97 5.91
C VAL B 30 -22.39 2.69 5.51
N TYR B 31 -22.23 2.27 4.24
CA TYR B 31 -22.96 1.16 3.67
C TYR B 31 -22.01 0.08 3.20
N VAL B 32 -22.42 -1.18 3.35
CA VAL B 32 -21.64 -2.35 2.93
C VAL B 32 -22.30 -2.95 1.69
N VAL B 33 -21.55 -3.05 0.59
CA VAL B 33 -22.03 -3.63 -0.66
C VAL B 33 -21.36 -4.98 -0.87
N GLU B 34 -22.18 -6.01 -1.10
CA GLU B 34 -21.68 -7.37 -1.27
C GLU B 34 -21.44 -7.62 -2.76
N VAL B 35 -20.16 -7.71 -3.14
CA VAL B 35 -19.76 -7.76 -4.55
C VAL B 35 -19.18 -9.15 -4.84
N ASP B 36 -19.77 -9.82 -5.82
CA ASP B 36 -19.25 -11.08 -6.33
C ASP B 36 -17.98 -10.86 -7.12
N TRP B 37 -16.89 -11.51 -6.69
CA TRP B 37 -15.57 -11.30 -7.29
C TRP B 37 -15.17 -12.38 -8.27
N THR B 38 -16.12 -13.19 -8.73
CA THR B 38 -15.83 -14.10 -9.83
C THR B 38 -15.66 -13.29 -11.12
N PRO B 39 -14.77 -13.70 -12.03
CA PRO B 39 -14.23 -12.71 -12.98
C PRO B 39 -15.25 -12.16 -13.97
N ASP B 40 -16.34 -12.87 -14.26
CA ASP B 40 -17.33 -12.43 -15.22
C ASP B 40 -18.62 -11.96 -14.57
N ALA B 41 -18.61 -11.80 -13.24
CA ALA B 41 -19.80 -11.40 -12.49
C ALA B 41 -20.21 -9.96 -12.83
N PRO B 42 -21.51 -9.68 -12.94
CA PRO B 42 -21.95 -8.30 -13.07
C PRO B 42 -21.86 -7.53 -11.76
N GLY B 43 -21.58 -6.23 -11.89
CA GLY B 43 -21.54 -5.37 -10.72
C GLY B 43 -22.92 -5.04 -10.17
N GLU B 44 -23.00 -4.88 -8.85
CA GLU B 44 -24.26 -4.54 -8.21
C GLU B 44 -24.61 -3.07 -8.48
N THR B 45 -25.86 -2.83 -8.89
CA THR B 45 -26.38 -1.48 -9.06
C THR B 45 -26.93 -1.02 -7.70
N VAL B 46 -26.43 0.13 -7.23
CA VAL B 46 -26.83 0.69 -5.95
C VAL B 46 -27.31 2.11 -6.18
N ASN B 47 -28.17 2.57 -5.25
CA ASN B 47 -28.76 3.89 -5.31
C ASN B 47 -28.31 4.69 -4.09
N LEU B 48 -28.02 5.96 -4.31
CA LEU B 48 -27.62 6.88 -3.26
C LEU B 48 -28.52 8.10 -3.27
N THR B 49 -29.04 8.49 -2.11
CA THR B 49 -29.98 9.60 -2.02
C THR B 49 -29.40 10.71 -1.16
N CYS B 50 -29.37 11.92 -1.71
CA CYS B 50 -28.85 13.08 -1.00
C CYS B 50 -29.78 13.47 0.14
N ASP B 51 -29.24 13.61 1.35
CA ASP B 51 -30.08 13.96 2.50
C ASP B 51 -30.25 15.46 2.58
N THR B 52 -31.30 15.96 1.92
CA THR B 52 -31.58 17.38 1.82
C THR B 52 -33.06 17.54 1.55
N PRO B 53 -33.65 18.69 1.89
CA PRO B 53 -35.01 18.99 1.44
C PRO B 53 -35.11 19.52 0.01
N GLU B 54 -34.00 19.70 -0.70
CA GLU B 54 -34.01 20.28 -2.05
C GLU B 54 -33.84 19.15 -3.05
N GLU B 55 -34.21 19.41 -4.31
CA GLU B 55 -34.09 18.37 -5.31
C GLU B 55 -33.35 18.80 -6.58
N ASP B 56 -33.49 20.06 -7.00
CA ASP B 56 -32.90 20.52 -8.25
C ASP B 56 -31.40 20.83 -8.12
N ASP B 57 -30.71 20.70 -9.26
CA ASP B 57 -29.32 21.12 -9.40
C ASP B 57 -28.36 20.45 -8.41
N ILE B 58 -28.66 19.22 -8.00
CA ILE B 58 -27.78 18.46 -7.11
C ILE B 58 -26.78 17.69 -7.97
N THR B 59 -25.49 17.84 -7.66
CA THR B 59 -24.41 17.15 -8.34
C THR B 59 -23.67 16.23 -7.37
N TRP B 60 -22.96 15.24 -7.90
CA TRP B 60 -22.24 14.27 -7.10
C TRP B 60 -20.76 14.20 -7.48
N THR B 61 -19.91 14.01 -6.47
CA THR B 61 -18.48 13.80 -6.63
C THR B 61 -18.06 12.60 -5.77
N SER B 62 -16.84 12.11 -6.01
CA SER B 62 -16.30 11.02 -5.23
C SER B 62 -14.83 11.27 -4.91
N ASP B 63 -14.38 10.66 -3.80
CA ASP B 63 -13.00 10.76 -3.37
C ASP B 63 -12.08 9.82 -4.15
N GLN B 64 -12.66 8.90 -4.92
CA GLN B 64 -11.95 8.07 -5.89
C GLN B 64 -12.01 8.66 -7.28
N ARG B 65 -12.95 9.55 -7.55
CA ARG B 65 -13.16 10.06 -8.91
C ARG B 65 -13.39 11.58 -8.86
N HIS B 66 -12.35 12.33 -9.23
CA HIS B 66 -12.46 13.79 -9.24
C HIS B 66 -13.41 14.26 -10.33
N GLY B 67 -14.03 15.41 -10.08
CA GLY B 67 -14.95 16.03 -11.00
C GLY B 67 -16.37 15.55 -10.72
N VAL B 68 -17.30 16.06 -11.50
CA VAL B 68 -18.70 15.68 -11.37
C VAL B 68 -18.97 14.37 -12.09
N ILE B 69 -19.41 13.35 -11.34
CA ILE B 69 -19.65 12.00 -11.85
C ILE B 69 -21.13 11.68 -11.95
N GLY B 70 -22.01 12.62 -11.64
CA GLY B 70 -23.44 12.39 -11.74
C GLY B 70 -24.20 13.59 -11.21
N SER B 71 -25.52 13.53 -11.35
CA SER B 71 -26.38 14.63 -10.96
C SER B 71 -27.76 14.11 -10.57
N GLY B 72 -28.52 14.96 -9.88
CA GLY B 72 -29.84 14.58 -9.42
C GLY B 72 -29.83 14.12 -7.96
N LYS B 73 -31.02 14.14 -7.35
CA LYS B 73 -31.12 13.75 -5.96
C LYS B 73 -30.73 12.31 -5.69
N THR B 74 -30.96 11.43 -6.66
CA THR B 74 -30.61 10.03 -6.51
C THR B 74 -29.61 9.64 -7.59
N LEU B 75 -28.46 9.13 -7.17
CA LEU B 75 -27.41 8.69 -8.08
C LEU B 75 -27.46 7.17 -8.17
N THR B 76 -27.37 6.63 -9.38
CA THR B 76 -27.34 5.20 -9.60
C THR B 76 -25.97 4.88 -10.18
N ILE B 77 -25.23 4.00 -9.50
CA ILE B 77 -23.92 3.58 -9.94
C ILE B 77 -23.84 2.07 -9.84
N THR B 78 -22.89 1.51 -10.58
CA THR B 78 -22.63 0.09 -10.63
C THR B 78 -21.26 -0.16 -10.04
N VAL B 79 -21.18 -1.03 -9.05
CA VAL B 79 -19.94 -1.26 -8.30
C VAL B 79 -19.49 -2.69 -8.56
N LYS B 80 -18.23 -2.82 -8.96
CA LYS B 80 -17.55 -4.09 -9.11
C LYS B 80 -16.13 -4.09 -8.58
N GLU B 81 -15.47 -2.94 -8.58
CA GLU B 81 -14.09 -2.75 -8.13
C GLU B 81 -14.05 -1.67 -7.06
N PHE B 82 -12.91 -1.61 -6.35
CA PHE B 82 -12.73 -0.64 -5.28
C PHE B 82 -12.62 0.79 -5.80
N LEU B 83 -12.54 0.99 -7.12
CA LEU B 83 -12.60 2.33 -7.70
C LEU B 83 -14.03 2.88 -7.65
N ASP B 84 -15.02 2.03 -7.41
CA ASP B 84 -16.42 2.40 -7.30
C ASP B 84 -16.85 2.57 -5.85
N ALA B 85 -15.90 2.62 -4.93
CA ALA B 85 -16.16 2.66 -3.50
C ALA B 85 -15.72 4.01 -2.94
N GLY B 86 -15.70 4.09 -1.61
CA GLY B 86 -15.28 5.28 -0.91
C GLY B 86 -16.41 6.23 -0.62
N GLN B 87 -16.04 7.47 -0.30
CA GLN B 87 -17.00 8.51 0.04
C GLN B 87 -17.60 9.20 -1.19
N TYR B 88 -18.93 9.24 -1.26
CA TYR B 88 -19.66 10.00 -2.26
C TYR B 88 -20.38 11.17 -1.59
N THR B 89 -20.27 12.34 -2.20
CA THR B 89 -20.80 13.57 -1.63
C THR B 89 -21.61 14.33 -2.65
N CYS B 90 -22.82 14.73 -2.27
CA CYS B 90 -23.70 15.53 -3.13
C CYS B 90 -23.51 17.00 -2.76
N HIS B 91 -23.70 17.88 -3.75
CA HIS B 91 -23.52 19.30 -3.55
C HIS B 91 -24.61 20.08 -4.27
N LYS B 92 -24.90 21.27 -3.76
CA LYS B 92 -25.74 22.24 -4.48
C LYS B 92 -25.23 23.64 -4.16
N GLY B 93 -24.94 24.41 -5.21
CA GLY B 93 -24.42 25.75 -5.04
C GLY B 93 -22.95 25.86 -4.68
N GLY B 94 -22.23 24.75 -4.63
CA GLY B 94 -20.81 24.79 -4.28
C GLY B 94 -20.54 24.50 -2.84
N GLU B 95 -21.52 23.99 -2.10
CA GLU B 95 -21.35 23.63 -0.71
C GLU B 95 -21.74 22.17 -0.48
N THR B 96 -21.16 21.58 0.56
CA THR B 96 -21.46 20.20 0.93
C THR B 96 -22.87 20.08 1.51
N LEU B 97 -23.58 19.03 1.10
CA LEU B 97 -24.92 18.76 1.61
C LEU B 97 -24.96 17.55 2.52
N SER B 98 -24.45 16.41 2.05
CA SER B 98 -24.33 15.19 2.84
C SER B 98 -23.32 14.32 2.13
N HIS B 99 -22.96 13.19 2.75
CA HIS B 99 -22.04 12.27 2.10
C HIS B 99 -22.47 10.86 2.46
N SER B 100 -22.02 9.90 1.65
CA SER B 100 -22.18 8.48 1.96
C SER B 100 -20.88 7.77 1.63
N HIS B 101 -20.54 6.75 2.42
CA HIS B 101 -19.33 5.97 2.24
C HIS B 101 -19.68 4.54 1.86
N LEU B 102 -19.05 4.01 0.81
CA LEU B 102 -19.30 2.63 0.35
C LEU B 102 -18.15 1.70 0.70
N LEU B 103 -18.48 0.59 1.37
CA LEU B 103 -17.54 -0.48 1.70
C LEU B 103 -17.88 -1.76 0.94
N LEU B 104 -16.85 -2.45 0.44
CA LEU B 104 -17.06 -3.67 -0.36
C LEU B 104 -16.74 -4.90 0.47
N HIS B 105 -17.66 -5.87 0.48
CA HIS B 105 -17.45 -7.17 1.12
C HIS B 105 -17.31 -8.21 0.01
N LYS B 106 -16.09 -8.65 -0.24
CA LYS B 106 -15.84 -9.55 -1.37
C LYS B 106 -16.44 -10.92 -1.09
N LYS B 107 -17.13 -11.49 -2.09
CA LYS B 107 -17.52 -12.89 -2.06
C LYS B 107 -16.99 -13.52 -3.33
N GLU B 108 -15.93 -14.32 -3.21
CA GLU B 108 -15.28 -14.93 -4.35
C GLU B 108 -15.45 -16.44 -4.29
N ASN B 109 -15.96 -17.02 -5.37
CA ASN B 109 -16.30 -18.45 -5.43
C ASN B 109 -17.33 -18.83 -4.37
N GLY B 110 -18.16 -17.88 -3.94
CA GLY B 110 -19.14 -18.14 -2.91
C GLY B 110 -18.63 -18.01 -1.50
N ILE B 111 -17.36 -17.66 -1.33
CA ILE B 111 -16.68 -17.62 -0.04
C ILE B 111 -16.39 -16.18 0.33
N TRP B 112 -16.80 -15.76 1.52
CA TRP B 112 -16.48 -14.42 1.97
C TRP B 112 -14.97 -14.28 2.12
N SER B 113 -14.47 -13.09 1.78
CA SER B 113 -13.04 -12.83 1.86
C SER B 113 -12.58 -12.65 3.31
N THR B 114 -11.40 -13.19 3.60
CA THR B 114 -10.76 -13.15 4.91
C THR B 114 -9.37 -12.53 4.85
N GLU B 115 -9.14 -11.62 3.90
CA GLU B 115 -7.80 -11.20 3.55
C GLU B 115 -7.24 -10.10 4.44
N ILE B 116 -8.03 -9.52 5.35
CA ILE B 116 -7.50 -8.51 6.25
C ILE B 116 -6.69 -9.13 7.38
N LEU B 117 -7.12 -10.27 7.90
CA LEU B 117 -6.48 -10.90 9.05
C LEU B 117 -5.64 -12.09 8.60
N LYS B 118 -4.64 -12.42 9.42
CA LYS B 118 -3.82 -13.60 9.21
C LYS B 118 -4.22 -14.63 10.26
N ASN B 119 -4.48 -15.85 9.81
CA ASN B 119 -4.82 -16.92 10.72
C ASN B 119 -3.62 -17.35 11.57
N PHE B 120 -3.91 -17.96 12.71
CA PHE B 120 -2.91 -18.47 13.64
C PHE B 120 -2.34 -19.84 13.25
N LYS B 121 -1.82 -20.58 14.24
CA LYS B 121 -1.21 -21.87 13.95
C LYS B 121 -2.21 -22.84 13.35
N ASN B 122 -3.46 -22.76 13.78
CA ASN B 122 -4.60 -23.43 13.18
C ASN B 122 -5.41 -22.41 12.39
N LYS B 123 -6.49 -22.88 11.79
CA LYS B 123 -7.26 -22.08 10.84
C LYS B 123 -7.93 -20.87 11.51
N THR B 124 -7.95 -20.81 12.84
CA THR B 124 -8.61 -19.70 13.53
C THR B 124 -7.89 -18.38 13.27
N PHE B 125 -8.69 -17.29 13.18
CA PHE B 125 -8.16 -15.94 13.09
C PHE B 125 -8.28 -15.18 14.40
N LEU B 126 -9.02 -15.72 15.36
CA LEU B 126 -9.24 -15.08 16.65
C LEU B 126 -8.81 -16.06 17.73
N LYS B 127 -8.05 -15.58 18.71
CA LYS B 127 -7.66 -16.42 19.83
C LYS B 127 -7.90 -15.62 21.09
N CYS B 128 -8.54 -16.25 22.08
CA CYS B 128 -8.88 -15.58 23.33
C CYS B 128 -8.32 -16.35 24.50
N GLU B 129 -7.96 -15.63 25.55
CA GLU B 129 -7.40 -16.20 26.76
C GLU B 129 -7.96 -15.51 27.99
N ALA B 130 -8.14 -16.27 29.05
CA ALA B 130 -8.62 -15.74 30.31
C ALA B 130 -7.70 -16.20 31.43
N PRO B 131 -7.27 -15.32 32.34
CA PRO B 131 -6.40 -15.78 33.43
C PRO B 131 -7.11 -16.51 34.55
N ASN B 132 -8.44 -16.43 34.61
CA ASN B 132 -9.28 -16.94 35.69
C ASN B 132 -10.70 -17.07 35.17
N TYR B 133 -11.61 -17.46 36.07
CA TYR B 133 -13.02 -17.70 35.76
C TYR B 133 -13.92 -16.51 36.10
N SER B 134 -13.37 -15.32 36.25
CA SER B 134 -14.17 -14.17 36.65
C SER B 134 -15.06 -13.63 35.54
N GLY B 135 -14.91 -14.12 34.32
CA GLY B 135 -15.70 -13.65 33.21
C GLY B 135 -15.05 -12.55 32.40
N ARG B 136 -13.83 -12.16 32.77
CA ARG B 136 -13.05 -11.19 32.03
C ARG B 136 -12.05 -11.93 31.17
N PHE B 137 -11.98 -11.59 29.89
CA PHE B 137 -11.10 -12.29 28.97
C PHE B 137 -10.67 -11.33 27.88
N THR B 138 -9.62 -11.73 27.14
CA THR B 138 -9.08 -10.94 26.04
C THR B 138 -9.05 -11.77 24.75
N CYS B 139 -9.23 -11.08 23.62
CA CYS B 139 -9.14 -11.69 22.30
C CYS B 139 -8.14 -10.92 21.45
N SER B 140 -7.47 -11.64 20.55
CA SER B 140 -6.47 -11.05 19.69
C SER B 140 -6.58 -11.64 18.29
N TRP B 141 -6.07 -10.89 17.32
CA TRP B 141 -6.04 -11.29 15.92
C TRP B 141 -4.84 -10.65 15.26
N LEU B 142 -4.46 -11.19 14.12
CA LEU B 142 -3.30 -10.72 13.39
C LEU B 142 -3.75 -10.05 12.09
N VAL B 143 -2.93 -9.13 11.59
CA VAL B 143 -3.25 -8.38 10.38
C VAL B 143 -2.14 -8.57 9.35
N GLN B 144 -2.54 -8.63 8.07
CA GLN B 144 -1.58 -8.75 6.97
C GLN B 144 -0.76 -7.47 6.81
N ARG B 145 -1.42 -6.32 6.90
CA ARG B 145 -0.78 -5.00 6.80
C ARG B 145 -1.45 -4.07 7.80
N ASN B 146 -0.63 -3.31 8.54
CA ASN B 146 -1.12 -2.32 9.49
C ASN B 146 -1.24 -0.94 8.83
N MET B 147 -2.30 -0.76 8.07
CA MET B 147 -2.55 0.53 7.42
C MET B 147 -4.04 0.75 7.26
N ASP B 148 -4.51 1.92 7.67
CA ASP B 148 -5.90 2.34 7.51
C ASP B 148 -6.89 1.33 8.11
N LEU B 149 -6.56 0.82 9.30
CA LEU B 149 -7.38 -0.22 9.93
C LEU B 149 -8.30 0.33 11.01
N LYS B 150 -9.55 -0.15 11.01
CA LYS B 150 -10.51 0.05 12.11
C LYS B 150 -11.17 -1.30 12.41
N PHE B 151 -11.41 -1.58 13.71
CA PHE B 151 -12.00 -2.83 14.14
C PHE B 151 -13.14 -2.60 15.12
N ASN B 152 -14.14 -3.47 15.07
CA ASN B 152 -15.23 -3.47 16.04
C ASN B 152 -15.59 -4.90 16.41
N ILE B 153 -15.70 -5.15 17.72
CA ILE B 153 -15.98 -6.48 18.25
C ILE B 153 -17.11 -6.38 19.27
N LYS B 154 -18.11 -7.28 19.16
CA LYS B 154 -19.33 -7.23 19.98
C LYS B 154 -19.89 -8.64 20.14
N SER B 155 -20.80 -8.79 21.10
CA SER B 155 -21.52 -10.05 21.27
C SER B 155 -22.31 -10.43 20.02
N SER B 156 -22.25 -11.72 19.66
CA SER B 156 -22.97 -12.21 18.50
C SER B 156 -24.42 -12.53 18.85
N SER B 157 -25.30 -12.23 17.91
CA SER B 157 -26.74 -12.45 17.98
C SER B 157 -27.41 -11.60 19.07
N SER B 158 -26.82 -11.61 20.28
CA SER B 158 -27.37 -10.91 21.46
C SER B 158 -28.86 -11.19 21.62
N SER B 159 -29.25 -12.46 21.42
CA SER B 159 -30.61 -12.95 21.56
C SER B 159 -30.92 -13.08 23.05
N PRO B 160 -32.18 -13.29 23.41
CA PRO B 160 -32.42 -13.95 24.70
C PRO B 160 -31.66 -15.26 24.79
N ASP B 161 -31.25 -15.59 26.02
CA ASP B 161 -30.44 -16.75 26.40
C ASP B 161 -29.02 -16.69 25.83
N SER B 162 -28.62 -15.58 25.22
CA SER B 162 -27.24 -15.37 24.78
C SER B 162 -26.46 -14.84 25.97
N ARG B 163 -25.16 -15.08 25.98
CA ARG B 163 -24.28 -14.59 27.05
C ARG B 163 -23.78 -13.20 26.69
N ALA B 164 -24.40 -12.19 27.27
CA ALA B 164 -24.08 -10.80 26.95
C ALA B 164 -22.69 -10.43 27.46
N VAL B 165 -21.90 -9.81 26.58
CA VAL B 165 -20.51 -9.44 26.84
C VAL B 165 -20.25 -8.01 26.39
N THR B 166 -19.59 -7.22 27.23
CA THR B 166 -19.17 -5.87 26.87
C THR B 166 -17.68 -5.82 26.61
N CYS B 167 -17.28 -5.38 25.41
CA CYS B 167 -15.87 -5.26 25.07
C CYS B 167 -15.43 -3.81 24.89
N GLY B 168 -14.15 -3.58 25.12
CA GLY B 168 -13.54 -2.29 24.91
C GLY B 168 -13.07 -2.12 23.48
N MET B 169 -12.34 -1.04 23.26
CA MET B 169 -11.72 -0.75 21.97
C MET B 169 -10.44 -1.55 21.75
N ALA B 170 -10.22 -1.96 20.51
CA ALA B 170 -9.01 -2.68 20.16
C ALA B 170 -7.80 -1.74 20.15
N SER B 171 -6.65 -2.29 20.53
CA SER B 171 -5.41 -1.53 20.55
C SER B 171 -4.28 -2.37 19.97
N LEU B 172 -3.26 -1.67 19.47
CA LEU B 172 -2.09 -2.35 18.93
C LEU B 172 -1.21 -2.80 20.10
N SER B 173 -0.85 -4.07 20.10
CA SER B 173 0.03 -4.59 21.13
C SER B 173 1.47 -4.31 20.72
N ALA B 174 2.33 -4.12 21.72
CA ALA B 174 3.75 -3.97 21.41
C ALA B 174 4.36 -5.28 20.91
N GLU B 175 3.79 -6.42 21.29
CA GLU B 175 4.34 -7.70 20.88
C GLU B 175 3.88 -8.04 19.46
N LYS B 176 4.83 -8.19 18.56
CA LYS B 176 4.64 -8.76 17.24
C LYS B 176 4.92 -10.26 17.32
N VAL B 177 4.35 -11.03 16.40
CA VAL B 177 4.53 -12.47 16.46
C VAL B 177 5.14 -12.91 15.14
N THR B 178 5.70 -14.11 15.16
CA THR B 178 6.29 -14.72 13.97
C THR B 178 5.55 -16.01 13.60
N LEU B 179 5.10 -16.06 12.36
CA LEU B 179 4.50 -17.25 11.75
C LEU B 179 5.30 -17.57 10.51
N ASP B 180 5.64 -18.85 10.35
CA ASP B 180 6.56 -19.32 9.32
C ASP B 180 7.89 -18.60 9.50
N GLN B 181 8.29 -17.72 8.58
CA GLN B 181 9.51 -16.95 8.77
C GLN B 181 9.22 -15.46 8.59
N ARG B 182 7.98 -15.07 8.78
CA ARG B 182 7.51 -13.72 8.57
C ARG B 182 6.84 -13.23 9.85
N ASP B 183 6.89 -11.92 10.02
CA ASP B 183 6.28 -11.21 11.13
C ASP B 183 4.92 -10.60 10.83
N TYR B 184 4.03 -10.70 11.82
CA TYR B 184 2.69 -10.16 11.77
C TYR B 184 2.44 -9.33 13.02
N GLU B 185 1.69 -8.24 12.86
CA GLU B 185 1.37 -7.33 13.95
C GLU B 185 0.08 -7.77 14.64
N LYS B 186 0.03 -7.58 15.97
CA LYS B 186 -1.06 -8.12 16.79
C LYS B 186 -1.90 -7.03 17.43
N TYR B 187 -3.22 -7.19 17.33
CA TYR B 187 -4.18 -6.33 18.00
C TYR B 187 -4.85 -7.13 19.12
N SER B 188 -5.22 -6.45 20.21
CA SER B 188 -5.82 -7.14 21.34
C SER B 188 -6.93 -6.27 21.91
N VAL B 189 -7.88 -6.92 22.58
CA VAL B 189 -9.03 -6.24 23.18
C VAL B 189 -9.41 -6.96 24.47
N SER B 190 -9.85 -6.20 25.47
CA SER B 190 -10.36 -6.75 26.73
C SER B 190 -11.88 -6.79 26.77
N CYS B 191 -12.43 -7.90 27.27
CA CYS B 191 -13.88 -8.13 27.34
C CYS B 191 -14.30 -8.59 28.73
N GLN B 192 -15.54 -8.29 29.09
CA GLN B 192 -16.17 -8.66 30.37
C GLN B 192 -17.57 -9.19 30.17
N GLU B 193 -17.85 -10.37 30.69
CA GLU B 193 -19.24 -10.83 30.73
C GLU B 193 -20.03 -9.96 31.70
N ASP B 194 -21.22 -9.52 31.25
CA ASP B 194 -21.96 -8.54 32.04
C ASP B 194 -22.48 -9.10 33.35
N VAL B 195 -22.90 -10.36 33.36
CA VAL B 195 -23.35 -11.02 34.58
C VAL B 195 -22.65 -12.36 34.65
N THR B 196 -21.95 -12.62 35.75
CA THR B 196 -21.19 -13.85 35.89
C THR B 196 -21.35 -14.45 37.28
N CYS B 197 -21.77 -15.72 37.34
CA CYS B 197 -21.44 -16.56 38.48
C CYS B 197 -20.25 -17.40 38.04
N PRO B 198 -19.07 -17.25 38.65
CA PRO B 198 -17.90 -18.02 38.18
C PRO B 198 -17.89 -19.47 38.53
N THR B 199 -18.71 -19.90 39.46
CA THR B 199 -18.74 -21.28 39.89
C THR B 199 -19.67 -22.11 39.04
N ALA B 200 -20.62 -21.46 38.40
CA ALA B 200 -21.62 -22.19 37.64
C ALA B 200 -20.98 -22.80 36.40
N GLU B 201 -21.51 -23.94 36.00
CA GLU B 201 -21.10 -24.61 34.78
C GLU B 201 -21.71 -23.90 33.56
N GLU B 202 -20.91 -23.76 32.52
CA GLU B 202 -21.26 -23.05 31.28
C GLU B 202 -22.02 -23.96 30.32
N THR B 203 -23.35 -23.79 30.22
CA THR B 203 -24.11 -24.65 29.33
C THR B 203 -24.10 -24.18 27.87
N LEU B 204 -23.81 -22.91 27.61
CA LEU B 204 -23.77 -22.33 26.28
C LEU B 204 -22.51 -21.49 26.12
N PRO B 205 -21.97 -21.43 24.91
CA PRO B 205 -20.77 -20.64 24.67
C PRO B 205 -21.07 -19.14 24.55
N ILE B 206 -19.96 -18.40 24.59
CA ILE B 206 -19.92 -16.98 24.25
C ILE B 206 -19.58 -16.87 22.78
N GLU B 207 -20.39 -16.15 22.03
CA GLU B 207 -20.21 -15.96 20.60
C GLU B 207 -19.86 -14.51 20.31
N LEU B 208 -18.79 -14.30 19.56
CA LEU B 208 -18.33 -12.96 19.23
C LEU B 208 -18.18 -12.80 17.72
N ALA B 209 -18.39 -11.57 17.27
CA ALA B 209 -18.21 -11.17 15.89
C ALA B 209 -17.24 -10.01 15.84
N LEU B 210 -16.24 -10.09 14.98
CA LEU B 210 -15.29 -9.01 14.78
C LEU B 210 -15.56 -8.36 13.43
N GLU B 211 -15.73 -7.05 13.41
CA GLU B 211 -15.83 -6.35 12.14
C GLU B 211 -14.47 -5.75 11.86
N ALA B 212 -13.95 -5.99 10.67
CA ALA B 212 -12.63 -5.54 10.28
C ALA B 212 -12.78 -4.69 9.04
N ARG B 213 -12.18 -3.51 9.07
CA ARG B 213 -12.22 -2.61 7.93
C ARG B 213 -10.81 -2.16 7.61
N GLN B 214 -10.50 -2.15 6.32
CA GLN B 214 -9.23 -1.65 5.79
C GLN B 214 -9.58 -0.98 4.47
N GLN B 215 -9.22 0.31 4.37
CA GLN B 215 -9.62 1.17 3.27
C GLN B 215 -11.11 0.89 3.04
N ASN B 216 -11.53 0.73 1.78
CA ASN B 216 -12.93 0.51 1.41
C ASN B 216 -13.36 -0.95 1.49
N LYS B 217 -12.72 -1.77 2.31
CA LYS B 217 -12.99 -3.21 2.34
C LYS B 217 -13.55 -3.64 3.69
N TYR B 218 -14.60 -4.46 3.63
CA TYR B 218 -15.28 -5.01 4.80
C TYR B 218 -15.17 -6.52 4.85
N GLU B 219 -14.84 -7.02 6.04
CA GLU B 219 -14.84 -8.44 6.36
C GLU B 219 -15.37 -8.59 7.78
N ASN B 220 -15.80 -9.79 8.12
CA ASN B 220 -16.16 -10.03 9.50
C ASN B 220 -15.93 -11.50 9.85
N TYR B 221 -15.71 -11.74 11.15
CA TYR B 221 -15.17 -12.98 11.63
C TYR B 221 -15.98 -13.35 12.86
N SER B 222 -16.09 -14.64 13.14
CA SER B 222 -16.83 -15.06 14.32
C SER B 222 -16.08 -16.16 15.03
N THR B 223 -16.31 -16.25 16.34
CA THR B 223 -15.72 -17.28 17.17
C THR B 223 -16.68 -17.60 18.30
N SER B 224 -16.58 -18.82 18.83
CA SER B 224 -17.35 -19.25 19.98
C SER B 224 -16.46 -20.09 20.88
N PHE B 225 -16.63 -19.93 22.19
CA PHE B 225 -15.77 -20.63 23.14
C PHE B 225 -16.43 -20.63 24.50
N PHE B 226 -15.89 -21.45 25.39
CA PHE B 226 -16.30 -21.47 26.78
C PHE B 226 -15.14 -20.92 27.61
N ILE B 227 -15.48 -20.24 28.69
CA ILE B 227 -14.44 -19.69 29.54
C ILE B 227 -13.51 -20.80 30.01
N ARG B 228 -14.06 -21.98 30.35
CA ARG B 228 -13.23 -23.08 30.83
C ARG B 228 -12.16 -23.51 29.82
N ASP B 229 -12.42 -23.33 28.51
CA ASP B 229 -11.45 -23.77 27.50
C ASP B 229 -10.28 -22.81 27.32
N ILE B 230 -10.45 -21.52 27.60
CA ILE B 230 -9.43 -20.52 27.34
C ILE B 230 -8.69 -20.10 28.61
N ILE B 231 -8.89 -20.82 29.72
CA ILE B 231 -8.15 -20.55 30.95
C ILE B 231 -6.67 -20.81 30.74
N LYS B 232 -5.85 -19.79 31.01
CA LYS B 232 -4.39 -19.92 31.10
C LYS B 232 -3.98 -19.20 32.37
N PRO B 233 -3.85 -19.92 33.48
CA PRO B 233 -3.47 -19.26 34.73
C PRO B 233 -2.13 -18.56 34.64
N ASP B 234 -1.93 -17.52 35.47
CA ASP B 234 -0.66 -16.86 35.49
C ASP B 234 0.36 -17.79 36.14
N PRO B 235 1.65 -17.55 35.89
CA PRO B 235 2.68 -18.40 36.49
C PRO B 235 2.68 -18.27 37.99
N PRO B 236 3.07 -19.32 38.71
CA PRO B 236 3.07 -19.26 40.18
C PRO B 236 3.90 -18.11 40.71
N LYS B 237 3.39 -17.47 41.77
CA LYS B 237 4.04 -16.30 42.35
C LYS B 237 4.97 -16.67 43.48
N ASN B 238 5.92 -15.78 43.76
CA ASN B 238 6.79 -15.95 44.92
C ASN B 238 7.47 -17.30 44.91
N LEU B 239 7.91 -17.72 43.73
CA LEU B 239 8.71 -18.92 43.59
C LEU B 239 10.05 -18.67 44.25
N GLN B 240 10.40 -19.51 45.23
CA GLN B 240 11.64 -19.32 45.98
C GLN B 240 12.32 -20.67 46.19
N MET B 241 13.60 -20.62 46.52
CA MET B 241 14.41 -21.82 46.74
C MET B 241 15.18 -21.68 48.04
N LYS B 242 15.03 -22.67 48.92
CA LYS B 242 15.75 -22.68 50.16
C LYS B 242 16.70 -23.85 50.24
N PRO B 243 18.01 -23.62 50.35
CA PRO B 243 18.93 -24.75 50.38
C PRO B 243 18.90 -25.44 51.73
N LEU B 244 19.16 -26.74 51.67
CA LEU B 244 19.18 -27.64 52.80
C LEU B 244 20.48 -28.42 52.77
N LYS B 245 20.77 -29.13 53.86
CA LYS B 245 21.95 -29.98 53.89
C LYS B 245 21.82 -31.13 52.89
N ASN B 246 22.99 -31.64 52.48
CA ASN B 246 23.14 -32.75 51.54
C ASN B 246 22.60 -32.40 50.15
N SER B 247 22.78 -31.13 49.77
CA SER B 247 22.41 -30.59 48.46
C SER B 247 20.94 -30.76 48.09
N GLN B 248 20.07 -31.07 49.04
CA GLN B 248 18.65 -30.97 48.75
C GLN B 248 18.25 -29.51 48.88
N VAL B 249 17.23 -29.11 48.12
CA VAL B 249 16.65 -27.78 48.27
C VAL B 249 15.15 -27.89 48.24
N GLU B 250 14.48 -26.96 48.90
CA GLU B 250 13.04 -26.85 48.86
C GLU B 250 12.62 -25.75 47.90
N VAL B 251 11.73 -26.06 46.96
CA VAL B 251 11.20 -25.03 46.07
C VAL B 251 9.74 -24.92 46.41
N SER B 252 9.25 -23.69 46.49
CA SER B 252 7.89 -23.46 46.91
C SER B 252 7.38 -22.22 46.20
N TRP B 253 6.06 -22.16 46.07
CA TRP B 253 5.42 -21.11 45.30
C TRP B 253 4.01 -20.95 45.84
N GLU B 254 3.31 -19.96 45.31
CA GLU B 254 1.94 -19.70 45.66
C GLU B 254 1.09 -19.58 44.41
N TYR B 255 -0.22 -19.72 44.63
CA TYR B 255 -1.20 -19.52 43.59
C TYR B 255 -1.08 -18.08 43.14
N PRO B 256 -1.22 -17.78 41.85
CA PRO B 256 -1.08 -16.39 41.42
C PRO B 256 -2.24 -15.52 41.88
N ASP B 257 -1.98 -14.22 41.96
CA ASP B 257 -3.02 -13.37 42.51
C ASP B 257 -4.21 -13.21 41.58
N SER B 258 -4.07 -13.55 40.29
CA SER B 258 -5.16 -13.44 39.33
C SER B 258 -6.13 -14.61 39.41
N TRP B 259 -5.75 -15.71 40.06
CA TRP B 259 -6.54 -16.92 40.00
C TRP B 259 -7.76 -16.80 40.86
N SER B 260 -8.83 -17.43 40.39
CA SER B 260 -10.12 -17.43 41.07
C SER B 260 -10.05 -18.09 42.44
N THR B 261 -10.81 -17.53 43.36
CA THR B 261 -10.89 -18.00 44.73
C THR B 261 -12.32 -18.42 44.99
N PRO B 262 -12.55 -19.31 45.98
CA PRO B 262 -11.55 -19.92 46.85
C PRO B 262 -10.66 -20.96 46.19
N HIS B 263 -9.40 -21.05 46.63
CA HIS B 263 -8.51 -22.00 46.00
C HIS B 263 -8.87 -23.45 46.34
N SER B 264 -9.65 -23.66 47.40
CA SER B 264 -10.18 -24.99 47.74
C SER B 264 -11.15 -25.51 46.70
N TYR B 265 -11.82 -24.61 45.96
CA TYR B 265 -12.70 -24.99 44.84
C TYR B 265 -11.95 -24.94 43.51
N PHE B 266 -11.30 -23.80 43.23
CA PHE B 266 -10.53 -23.61 42.00
C PHE B 266 -9.10 -24.00 42.33
N SER B 267 -8.76 -25.26 42.17
CA SER B 267 -7.44 -25.73 42.59
C SER B 267 -6.57 -25.94 41.35
N LEU B 268 -5.28 -25.82 41.55
CA LEU B 268 -4.31 -25.97 40.49
C LEU B 268 -3.39 -27.14 40.81
N LYS B 269 -2.97 -27.83 39.75
CA LYS B 269 -1.88 -28.79 39.79
C LYS B 269 -0.66 -28.14 39.16
N PHE B 270 0.52 -28.52 39.64
CA PHE B 270 1.77 -27.90 39.20
C PHE B 270 2.71 -28.97 38.67
N PHE B 271 3.64 -28.54 37.81
CA PHE B 271 4.65 -29.42 37.24
C PHE B 271 6.02 -28.78 37.41
N VAL B 272 6.90 -29.50 38.08
CA VAL B 272 8.25 -29.05 38.42
C VAL B 272 9.26 -29.72 37.49
N ARG B 273 10.12 -28.93 36.87
CA ARG B 273 11.09 -29.32 35.86
C ARG B 273 12.49 -28.86 36.30
N ILE B 274 13.51 -29.69 36.09
CA ILE B 274 14.90 -29.31 36.33
C ILE B 274 15.60 -29.00 35.00
N GLN B 275 16.32 -27.86 34.94
CA GLN B 275 17.10 -27.47 33.77
C GLN B 275 18.60 -27.29 34.01
N ARG B 276 19.40 -28.09 33.28
CA ARG B 276 20.85 -27.96 33.37
C ARG B 276 21.31 -26.58 32.89
N LYS B 277 20.66 -26.04 31.86
CA LYS B 277 21.01 -24.73 31.29
C LYS B 277 19.95 -23.66 31.55
N GLY B 287 3.46 -25.10 25.41
CA GLY B 287 4.16 -25.20 26.68
C GLY B 287 3.65 -26.28 27.61
N CYS B 288 2.35 -26.60 27.58
CA CYS B 288 1.79 -27.61 28.49
C CYS B 288 2.48 -28.96 28.64
N ASN B 289 2.68 -29.67 27.55
CA ASN B 289 3.17 -31.05 27.61
C ASN B 289 4.34 -31.28 26.71
N GLN B 290 5.24 -30.35 26.65
CA GLN B 290 6.42 -30.50 25.81
C GLN B 290 7.68 -30.85 26.56
N LYS B 291 7.62 -30.97 27.88
CA LYS B 291 8.81 -31.18 28.69
C LYS B 291 8.54 -32.26 29.72
N GLY B 292 9.56 -33.04 30.04
CA GLY B 292 9.44 -34.05 31.07
C GLY B 292 9.50 -33.36 32.42
N ALA B 293 8.49 -33.60 33.26
CA ALA B 293 8.44 -32.94 34.55
C ALA B 293 7.60 -33.76 35.49
N PHE B 294 7.73 -33.48 36.78
CA PHE B 294 7.05 -34.30 37.77
CA PHE B 294 7.10 -34.26 37.82
C PHE B 294 5.98 -33.46 38.45
N LEU B 295 4.88 -34.15 38.77
CA LEU B 295 3.64 -33.53 39.17
C LEU B 295 3.52 -33.39 40.68
N VAL B 296 3.15 -32.19 41.12
CA VAL B 296 2.82 -31.94 42.51
C VAL B 296 1.57 -31.06 42.57
N GLU B 297 0.62 -31.43 43.44
CA GLU B 297 -0.62 -30.67 43.62
C GLU B 297 -0.56 -29.70 44.79
N LYS B 298 0.34 -29.96 45.71
CA LYS B 298 0.72 -29.11 46.81
C LYS B 298 1.67 -28.05 46.25
N THR B 299 1.90 -26.99 47.02
CA THR B 299 2.70 -25.86 46.51
C THR B 299 4.23 -25.95 46.82
N SER B 300 4.74 -27.10 47.28
CA SER B 300 6.17 -27.23 47.53
C SER B 300 6.65 -28.68 47.37
N THR B 301 7.90 -28.81 46.90
CA THR B 301 8.58 -30.08 46.69
C THR B 301 10.04 -29.88 47.09
N GLU B 302 10.76 -30.98 47.27
CA GLU B 302 12.20 -30.99 47.49
C GLU B 302 12.90 -31.64 46.30
N VAL B 303 14.03 -31.07 45.90
CA VAL B 303 14.71 -31.47 44.68
C VAL B 303 16.19 -31.32 44.92
N GLN B 304 16.96 -32.24 44.36
CA GLN B 304 18.43 -32.26 44.44
C GLN B 304 19.06 -31.84 43.12
N CYS B 305 19.21 -30.51 42.89
CA CYS B 305 19.71 -30.01 41.60
C CYS B 305 21.16 -29.51 41.53
N LYS B 306 21.88 -29.34 42.63
CA LYS B 306 23.25 -28.82 42.62
C LYS B 306 23.62 -27.92 41.42
N GLY B 307 23.02 -26.72 41.33
CA GLY B 307 23.43 -25.71 40.37
C GLY B 307 22.61 -25.50 39.10
N GLY B 308 21.64 -26.30 38.78
CA GLY B 308 20.82 -26.04 37.61
C GLY B 308 19.75 -25.02 37.94
N ASN B 309 18.67 -25.07 37.20
CA ASN B 309 17.47 -24.28 37.43
C ASN B 309 16.32 -25.23 37.73
N VAL B 310 15.39 -24.74 38.52
CA VAL B 310 14.17 -25.47 38.86
C VAL B 310 13.05 -24.57 38.40
N CYS B 311 12.14 -25.13 37.61
CA CYS B 311 11.04 -24.38 37.03
C CYS B 311 9.73 -25.04 37.42
N VAL B 312 8.65 -24.24 37.44
CA VAL B 312 7.32 -24.74 37.75
C VAL B 312 6.30 -24.03 36.87
N GLN B 313 5.29 -24.77 36.41
CA GLN B 313 4.13 -24.22 35.69
C GLN B 313 2.85 -24.69 36.36
N ALA B 314 1.73 -24.03 36.05
CA ALA B 314 0.45 -24.36 36.67
C ALA B 314 -0.62 -24.65 35.63
N GLN B 315 -1.56 -25.51 36.02
CA GLN B 315 -2.68 -25.89 35.17
C GLN B 315 -3.88 -26.20 36.05
N ASP B 316 -5.07 -25.96 35.52
CA ASP B 316 -6.29 -26.31 36.24
C ASP B 316 -6.32 -27.80 36.59
N ARG B 317 -6.68 -28.11 37.84
CA ARG B 317 -6.60 -29.49 38.28
C ARG B 317 -7.66 -30.38 37.65
N TYR B 318 -8.85 -29.84 37.41
CA TYR B 318 -9.95 -30.68 36.98
C TYR B 318 -10.28 -30.51 35.51
N TYR B 319 -9.53 -29.68 34.78
CA TYR B 319 -9.85 -29.48 33.38
C TYR B 319 -8.52 -29.24 32.67
N ASN B 320 -8.39 -29.78 31.47
CA ASN B 320 -7.14 -29.66 30.71
C ASN B 320 -7.10 -28.37 29.91
N SER B 321 -6.95 -27.28 30.66
CA SER B 321 -6.81 -25.95 30.12
C SER B 321 -5.36 -25.71 29.75
N SER B 322 -5.09 -24.57 29.14
CA SER B 322 -3.71 -24.21 28.83
C SER B 322 -2.95 -24.00 30.13
N CYS B 323 -1.63 -24.19 30.06
CA CYS B 323 -0.75 -24.14 31.23
C CYS B 323 -0.08 -22.78 31.34
N SER B 324 0.36 -22.47 32.54
CA SER B 324 1.02 -21.19 32.74
C SER B 324 2.40 -21.12 32.10
N LYS B 325 2.88 -19.89 31.98
CA LYS B 325 4.26 -19.68 31.63
C LYS B 325 5.09 -20.30 32.74
N TRP B 326 6.29 -20.75 32.41
CA TRP B 326 7.17 -21.30 33.42
C TRP B 326 7.72 -20.20 34.32
N ALA B 327 7.73 -20.44 35.62
CA ALA B 327 8.47 -19.58 36.54
C ALA B 327 9.71 -20.36 36.97
N CYS B 328 10.89 -19.72 36.96
CA CYS B 328 12.13 -20.41 37.27
C CYS B 328 12.94 -19.73 38.36
N VAL B 329 13.68 -20.54 39.10
CA VAL B 329 14.56 -20.06 40.17
C VAL B 329 15.89 -20.79 40.08
N PRO B 330 17.03 -20.10 40.19
CA PRO B 330 18.30 -20.81 40.15
C PRO B 330 18.48 -21.71 41.36
N CYS B 331 19.21 -22.80 41.17
CA CYS B 331 19.54 -23.74 42.22
C CYS B 331 20.93 -23.41 42.77
N ARG B 332 21.03 -23.26 44.10
CA ARG B 332 22.28 -22.91 44.76
C ARG B 332 22.63 -23.87 45.89
N VAL B 333 23.91 -24.23 45.98
CA VAL B 333 24.32 -25.25 46.98
C VAL B 333 24.94 -24.56 48.21
N ARG B 334 24.24 -24.61 49.34
CA ARG B 334 24.76 -24.01 50.61
C ARG B 334 23.99 -24.58 51.80
N SER B 335 24.41 -24.27 53.02
CA SER B 335 23.73 -24.75 54.27
C SER B 335 24.00 -26.24 54.51
N MET C 23 22.25 -9.87 -10.94
CA MET C 23 22.20 -8.75 -9.96
C MET C 23 23.26 -7.71 -10.33
N TRP C 24 22.87 -6.45 -10.43
CA TRP C 24 23.86 -5.38 -10.76
C TRP C 24 23.82 -4.29 -9.69
N GLU C 25 24.91 -3.53 -9.59
CA GLU C 25 24.98 -2.48 -8.57
C GLU C 25 24.50 -1.15 -9.13
N LEU C 26 23.51 -0.55 -8.48
CA LEU C 26 22.96 0.75 -8.86
C LEU C 26 23.76 1.88 -8.26
N GLU C 27 24.10 1.75 -6.98
CA GLU C 27 24.93 2.67 -6.23
C GLU C 27 25.49 1.88 -5.04
N LYS C 28 26.39 2.50 -4.29
CA LYS C 28 27.06 1.77 -3.23
C LYS C 28 26.07 1.10 -2.30
N ASP C 29 26.23 -0.22 -2.12
CA ASP C 29 25.41 -1.03 -1.21
C ASP C 29 23.94 -1.11 -1.63
N VAL C 30 23.62 -0.75 -2.86
CA VAL C 30 22.25 -0.84 -3.38
C VAL C 30 22.30 -1.63 -4.68
N TYR C 31 21.58 -2.75 -4.73
CA TYR C 31 21.67 -3.66 -5.85
C TYR C 31 20.29 -3.89 -6.43
N VAL C 32 20.24 -4.09 -7.75
CA VAL C 32 19.01 -4.34 -8.50
C VAL C 32 19.02 -5.79 -8.94
N VAL C 33 17.96 -6.53 -8.58
CA VAL C 33 17.81 -7.92 -8.97
C VAL C 33 16.72 -8.03 -10.02
N GLU C 34 17.05 -8.63 -11.15
CA GLU C 34 16.13 -8.79 -12.27
C GLU C 34 15.40 -10.10 -12.03
N VAL C 35 14.08 -10.03 -11.89
CA VAL C 35 13.28 -11.18 -11.49
C VAL C 35 12.24 -11.48 -12.55
N ASP C 36 12.31 -12.69 -13.09
CA ASP C 36 11.27 -13.19 -14.00
C ASP C 36 9.98 -13.37 -13.19
N TRP C 37 8.90 -12.72 -13.64
CA TRP C 37 7.62 -12.72 -12.94
C TRP C 37 6.58 -13.60 -13.60
N THR C 38 7.01 -14.53 -14.45
CA THR C 38 6.13 -15.57 -14.94
C THR C 38 5.84 -16.54 -13.78
N PRO C 39 4.63 -17.11 -13.72
CA PRO C 39 4.16 -17.62 -12.42
C PRO C 39 4.97 -18.80 -11.89
N ASP C 40 5.62 -19.56 -12.75
CA ASP C 40 6.40 -20.74 -12.35
C ASP C 40 7.89 -20.50 -12.48
N ALA C 41 8.30 -19.24 -12.61
CA ALA C 41 9.71 -18.93 -12.78
C ALA C 41 10.50 -19.24 -11.50
N PRO C 42 11.70 -19.80 -11.61
CA PRO C 42 12.54 -19.96 -10.42
C PRO C 42 13.12 -18.62 -10.00
N GLY C 43 13.31 -18.45 -8.70
CA GLY C 43 13.92 -17.23 -8.19
C GLY C 43 15.42 -17.17 -8.44
N GLU C 44 15.91 -15.94 -8.65
CA GLU C 44 17.34 -15.73 -8.87
C GLU C 44 18.10 -15.90 -7.56
N THR C 45 19.18 -16.68 -7.60
CA THR C 45 20.09 -16.83 -6.45
C THR C 45 21.15 -15.74 -6.47
N VAL C 46 21.26 -15.00 -5.36
CA VAL C 46 22.22 -13.90 -5.23
C VAL C 46 23.06 -14.09 -3.97
N ASN C 47 24.25 -13.47 -3.99
CA ASN C 47 25.21 -13.57 -2.89
C ASN C 47 25.46 -12.17 -2.36
N LEU C 48 25.42 -12.04 -1.03
CA LEU C 48 25.66 -10.79 -0.33
C LEU C 48 26.86 -10.99 0.59
N THR C 49 27.83 -10.08 0.51
CA THR C 49 29.08 -10.22 1.24
C THR C 49 29.20 -9.09 2.26
N CYS C 50 29.44 -9.47 3.52
CA CYS C 50 29.58 -8.50 4.60
C CYS C 50 30.86 -7.70 4.39
N ASP C 51 30.74 -6.37 4.40
CA ASP C 51 31.90 -5.52 4.18
C ASP C 51 32.64 -5.34 5.49
N THR C 52 33.53 -6.29 5.79
CA THR C 52 34.27 -6.31 7.04
C THR C 52 35.57 -7.07 6.81
N PRO C 53 36.60 -6.82 7.62
CA PRO C 53 37.80 -7.69 7.58
C PRO C 53 37.69 -8.97 8.40
N GLU C 54 36.60 -9.20 9.11
CA GLU C 54 36.45 -10.37 9.97
C GLU C 54 35.62 -11.43 9.25
N GLU C 55 35.72 -12.68 9.71
CA GLU C 55 34.99 -13.73 9.03
C GLU C 55 34.07 -14.59 9.91
N ASP C 56 34.42 -14.80 11.19
CA ASP C 56 33.68 -15.72 12.04
C ASP C 56 32.48 -15.08 12.74
N ASP C 57 31.49 -15.92 13.06
CA ASP C 57 30.32 -15.54 13.89
C ASP C 57 29.52 -14.37 13.32
N ILE C 58 29.48 -14.21 12.00
CA ILE C 58 28.69 -13.17 11.34
C ILE C 58 27.27 -13.67 11.09
N THR C 59 26.28 -12.88 11.51
CA THR C 59 24.86 -13.18 11.32
C THR C 59 24.19 -12.12 10.43
N TRP C 60 23.09 -12.52 9.79
CA TRP C 60 22.34 -11.67 8.85
C TRP C 60 20.88 -11.53 9.27
N THR C 61 20.31 -10.33 9.06
CA THR C 61 18.90 -10.02 9.30
C THR C 61 18.32 -9.29 8.10
N SER C 62 16.99 -9.20 8.04
CA SER C 62 16.31 -8.49 6.96
C SER C 62 15.18 -7.64 7.52
N ASP C 63 14.90 -6.52 6.84
CA ASP C 63 13.83 -5.60 7.23
C ASP C 63 12.44 -6.10 6.85
N GLN C 64 12.36 -7.24 6.16
CA GLN C 64 11.13 -7.93 5.83
C GLN C 64 10.80 -9.07 6.78
N ARG C 65 11.75 -9.50 7.60
CA ARG C 65 11.62 -10.73 8.39
C ARG C 65 12.20 -10.57 9.79
N HIS C 66 11.41 -10.90 10.82
CA HIS C 66 11.94 -10.89 12.17
C HIS C 66 12.95 -12.02 12.33
N GLY C 67 13.99 -11.78 13.14
CA GLY C 67 14.92 -12.84 13.44
C GLY C 67 16.13 -12.91 12.53
N VAL C 68 16.99 -13.88 12.86
CA VAL C 68 18.19 -14.16 12.08
C VAL C 68 17.84 -15.12 10.97
N ILE C 69 18.18 -14.75 9.73
CA ILE C 69 17.83 -15.52 8.53
C ILE C 69 19.02 -16.24 7.92
N GLY C 70 20.20 -16.17 8.51
CA GLY C 70 21.35 -16.85 7.95
C GLY C 70 22.63 -16.42 8.65
N SER C 71 23.73 -17.01 8.19
CA SER C 71 25.02 -16.81 8.84
C SER C 71 26.15 -17.02 7.84
N GLY C 72 27.34 -16.59 8.26
CA GLY C 72 28.56 -16.68 7.50
C GLY C 72 28.89 -15.38 6.78
N LYS C 73 30.10 -15.35 6.22
CA LYS C 73 30.55 -14.15 5.51
C LYS C 73 29.71 -13.85 4.29
N THR C 74 29.26 -14.88 3.58
CA THR C 74 28.50 -14.70 2.36
C THR C 74 27.16 -15.39 2.53
N LEU C 75 26.08 -14.61 2.36
CA LEU C 75 24.71 -15.11 2.45
C LEU C 75 24.17 -15.35 1.05
N THR C 76 23.66 -16.56 0.81
CA THR C 76 23.03 -16.91 -0.46
C THR C 76 21.53 -17.03 -0.21
N ILE C 77 20.74 -16.25 -0.96
CA ILE C 77 19.29 -16.27 -0.84
C ILE C 77 18.69 -16.34 -2.24
N THR C 78 17.43 -16.78 -2.28
CA THR C 78 16.66 -16.90 -3.50
C THR C 78 15.50 -15.89 -3.45
N VAL C 79 15.42 -15.02 -4.45
CA VAL C 79 14.45 -13.94 -4.44
C VAL C 79 13.49 -14.15 -5.61
N LYS C 80 12.19 -14.07 -5.31
CA LYS C 80 11.15 -14.09 -6.32
C LYS C 80 10.04 -13.11 -6.02
N GLU C 81 9.85 -12.73 -4.75
CA GLU C 81 8.81 -11.84 -4.28
C GLU C 81 9.48 -10.66 -3.56
N PHE C 82 8.70 -9.60 -3.34
CA PHE C 82 9.23 -8.41 -2.68
C PHE C 82 9.52 -8.65 -1.19
N LEU C 83 9.13 -9.82 -0.65
CA LEU C 83 9.51 -10.22 0.69
C LEU C 83 10.96 -10.68 0.75
N ASP C 84 11.59 -10.91 -0.40
CA ASP C 84 12.99 -11.29 -0.49
C ASP C 84 13.88 -10.08 -0.81
N ALA C 85 13.33 -8.87 -0.72
CA ALA C 85 14.00 -7.63 -1.08
C ALA C 85 14.19 -6.78 0.18
N GLY C 86 14.71 -5.58 -0.01
CA GLY C 86 14.91 -4.64 1.07
C GLY C 86 16.33 -4.63 1.58
N GLN C 87 16.49 -4.01 2.76
CA GLN C 87 17.79 -3.88 3.39
C GLN C 87 18.20 -5.15 4.13
N TYR C 88 19.39 -5.67 3.80
CA TYR C 88 20.02 -6.78 4.50
C TYR C 88 21.25 -6.28 5.23
N THR C 89 21.38 -6.68 6.51
CA THR C 89 22.43 -6.18 7.39
C THR C 89 23.14 -7.33 8.08
N CYS C 90 24.47 -7.35 8.01
CA CYS C 90 25.26 -8.36 8.72
C CYS C 90 25.71 -7.80 10.07
N HIS C 91 25.84 -8.69 11.06
CA HIS C 91 26.22 -8.28 12.41
C HIS C 91 27.24 -9.24 13.01
N LYS C 92 28.01 -8.72 13.97
CA LYS C 92 28.86 -9.56 14.80
C LYS C 92 28.90 -9.04 16.23
N GLY C 93 28.63 -9.93 17.20
CA GLY C 93 28.65 -9.57 18.61
C GLY C 93 27.65 -8.53 19.07
N GLY C 94 26.56 -8.33 18.32
CA GLY C 94 25.54 -7.38 18.71
C GLY C 94 25.70 -5.98 18.14
N GLU C 95 26.66 -5.77 17.26
CA GLU C 95 26.84 -4.47 16.62
C GLU C 95 26.69 -4.59 15.11
N THR C 96 26.31 -3.47 14.48
CA THR C 96 26.17 -3.40 13.03
C THR C 96 27.53 -3.36 12.34
N LEU C 97 27.63 -4.04 11.19
CA LEU C 97 28.87 -4.03 10.41
C LEU C 97 28.70 -3.31 9.07
N SER C 98 27.75 -3.73 8.24
CA SER C 98 27.44 -3.09 6.98
C SER C 98 26.05 -3.54 6.56
N HIS C 99 25.54 -2.97 5.47
CA HIS C 99 24.25 -3.40 4.95
C HIS C 99 24.29 -3.40 3.44
N SER C 100 23.34 -4.11 2.85
CA SER C 100 23.08 -4.07 1.42
C SER C 100 21.56 -3.94 1.23
N HIS C 101 21.14 -3.15 0.25
CA HIS C 101 19.72 -2.96 -0.05
C HIS C 101 19.42 -3.57 -1.40
N LEU C 102 18.40 -4.42 -1.49
CA LEU C 102 18.02 -5.08 -2.74
C LEU C 102 16.77 -4.47 -3.36
N LEU C 103 16.88 -4.07 -4.63
CA LEU C 103 15.75 -3.59 -5.42
C LEU C 103 15.36 -4.63 -6.48
N LEU C 104 14.06 -4.82 -6.67
CA LEU C 104 13.56 -5.78 -7.64
C LEU C 104 13.07 -5.12 -8.92
N HIS C 105 13.56 -5.62 -10.06
CA HIS C 105 13.17 -5.14 -11.39
C HIS C 105 12.39 -6.26 -12.09
N LYS C 106 11.06 -6.11 -12.15
CA LYS C 106 10.21 -7.17 -12.66
C LYS C 106 10.34 -7.28 -14.17
N LYS C 107 10.46 -8.51 -14.67
CA LYS C 107 10.37 -8.75 -16.12
C LYS C 107 9.30 -9.81 -16.33
N GLU C 108 8.10 -9.38 -16.67
CA GLU C 108 6.96 -10.27 -16.84
C GLU C 108 6.69 -10.49 -18.33
N ASN C 109 6.66 -11.76 -18.75
CA ASN C 109 6.48 -12.13 -20.16
C ASN C 109 7.55 -11.54 -21.07
N GLY C 110 8.74 -11.29 -20.52
CA GLY C 110 9.84 -10.71 -21.25
C GLY C 110 9.83 -9.20 -21.29
N ILE C 111 8.85 -8.58 -20.64
CA ILE C 111 8.63 -7.14 -20.65
C ILE C 111 8.90 -6.59 -19.26
N TRP C 112 9.78 -5.61 -19.17
CA TRP C 112 10.04 -4.97 -17.87
C TRP C 112 8.77 -4.26 -17.40
N SER C 113 8.51 -4.32 -16.09
CA SER C 113 7.30 -3.73 -15.56
C SER C 113 7.43 -2.22 -15.55
N THR C 114 6.30 -1.56 -15.79
CA THR C 114 6.19 -0.12 -15.85
C THR C 114 5.14 0.38 -14.84
N GLU C 115 4.98 -0.36 -13.74
CA GLU C 115 3.86 -0.18 -12.82
C GLU C 115 3.99 1.00 -11.87
N ILE C 116 5.15 1.66 -11.80
CA ILE C 116 5.27 2.82 -10.92
C ILE C 116 4.64 4.04 -11.57
N LEU C 117 4.81 4.21 -12.87
CA LEU C 117 4.36 5.39 -13.58
C LEU C 117 3.11 5.05 -14.38
N LYS C 118 2.32 6.09 -14.66
CA LYS C 118 1.15 5.98 -15.52
C LYS C 118 1.47 6.64 -16.86
N ASN C 119 1.20 5.92 -17.93
CA ASN C 119 1.37 6.43 -19.28
C ASN C 119 0.34 7.50 -19.59
N PHE C 120 0.70 8.37 -20.54
CA PHE C 120 -0.18 9.42 -21.05
C PHE C 120 -1.20 8.81 -22.02
N LYS C 121 -2.05 9.67 -22.60
CA LYS C 121 -3.01 9.21 -23.59
C LYS C 121 -2.33 8.41 -24.69
N ASN C 122 -1.14 8.83 -25.10
CA ASN C 122 -0.27 8.03 -25.95
C ASN C 122 0.70 7.26 -25.04
N LYS C 123 1.24 6.17 -25.57
CA LYS C 123 1.88 5.15 -24.77
C LYS C 123 3.14 5.64 -24.04
N THR C 124 3.58 6.88 -24.27
CA THR C 124 4.78 7.37 -23.60
C THR C 124 4.54 7.61 -22.11
N PHE C 125 5.62 7.50 -21.32
CA PHE C 125 5.61 7.83 -19.91
C PHE C 125 6.30 9.15 -19.58
N LEU C 126 7.21 9.61 -20.43
CA LEU C 126 7.93 10.85 -20.27
C LEU C 126 7.45 11.86 -21.31
N LYS C 127 7.20 13.10 -20.87
CA LYS C 127 6.83 14.17 -21.78
C LYS C 127 7.63 15.41 -21.42
N CYS C 128 8.24 16.04 -22.43
CA CYS C 128 9.12 17.18 -22.21
C CYS C 128 8.67 18.38 -23.05
N GLU C 129 8.91 19.57 -22.53
CA GLU C 129 8.58 20.82 -23.20
C GLU C 129 9.70 21.82 -23.00
N ALA C 130 9.94 22.63 -24.03
CA ALA C 130 10.93 23.70 -23.98
C ALA C 130 10.27 25.00 -24.41
N PRO C 131 10.43 26.09 -23.66
CA PRO C 131 9.82 27.36 -24.07
C PRO C 131 10.57 28.05 -25.20
N ASN C 132 11.80 27.63 -25.48
CA ASN C 132 12.68 28.31 -26.42
C ASN C 132 13.75 27.32 -26.86
N TYR C 133 14.69 27.80 -27.69
CA TYR C 133 15.77 26.99 -28.23
C TYR C 133 17.06 27.10 -27.43
N SER C 134 17.01 27.59 -26.19
CA SER C 134 18.23 27.81 -25.43
C SER C 134 18.84 26.53 -24.89
N GLY C 135 18.16 25.40 -25.05
CA GLY C 135 18.66 24.14 -24.52
C GLY C 135 18.14 23.81 -23.15
N ARG C 136 17.33 24.68 -22.57
CA ARG C 136 16.70 24.44 -21.27
C ARG C 136 15.30 23.89 -21.48
N PHE C 137 15.00 22.78 -20.81
CA PHE C 137 13.71 22.12 -20.98
C PHE C 137 13.35 21.41 -19.68
N THR C 138 12.07 21.01 -19.57
CA THR C 138 11.56 20.29 -18.41
C THR C 138 10.88 19.02 -18.88
N CYS C 139 10.94 17.98 -18.06
CA CYS C 139 10.27 16.71 -18.34
C CYS C 139 9.36 16.33 -17.16
N SER C 140 8.26 15.66 -17.50
CA SER C 140 7.30 15.25 -16.49
C SER C 140 6.79 13.85 -16.78
N TRP C 141 6.30 13.21 -15.72
CA TRP C 141 5.75 11.86 -15.76
C TRP C 141 4.71 11.72 -14.64
N LEU C 142 3.86 10.70 -14.76
CA LEU C 142 2.79 10.47 -13.80
C LEU C 142 3.08 9.25 -12.93
N VAL C 143 2.52 9.25 -11.72
CA VAL C 143 2.70 8.15 -10.77
C VAL C 143 1.35 7.59 -10.34
N GLN C 144 1.32 6.26 -10.09
CA GLN C 144 0.11 5.59 -9.62
C GLN C 144 -0.24 6.00 -8.19
N ARG C 145 0.77 6.08 -7.32
CA ARG C 145 0.60 6.50 -5.95
C ARG C 145 1.81 7.32 -5.55
N ASN C 146 1.58 8.40 -4.82
CA ASN C 146 2.66 9.21 -4.24
C ASN C 146 3.04 8.65 -2.87
N MET C 147 3.74 7.52 -2.91
CA MET C 147 4.14 6.80 -1.71
C MET C 147 5.56 6.28 -1.85
N ASP C 148 6.45 6.77 -1.00
CA ASP C 148 7.84 6.29 -0.89
C ASP C 148 8.59 6.29 -2.22
N LEU C 149 8.50 7.40 -2.95
CA LEU C 149 9.10 7.52 -4.27
C LEU C 149 10.45 8.22 -4.26
N LYS C 150 11.39 7.70 -5.07
CA LYS C 150 12.66 8.36 -5.39
C LYS C 150 12.87 8.31 -6.91
N PHE C 151 13.41 9.41 -7.46
CA PHE C 151 13.66 9.54 -8.89
C PHE C 151 15.04 10.09 -9.20
N ASN C 152 15.60 9.61 -10.32
CA ASN C 152 16.85 10.10 -10.88
C ASN C 152 16.77 10.11 -12.40
N ILE C 153 17.23 11.19 -13.02
CA ILE C 153 17.18 11.34 -14.46
C ILE C 153 18.54 11.81 -14.96
N LYS C 154 19.06 11.13 -15.99
CA LYS C 154 20.38 11.39 -16.53
C LYS C 154 20.33 11.27 -18.04
N SER C 155 21.36 11.81 -18.70
CA SER C 155 21.55 11.51 -20.12
C SER C 155 21.73 10.01 -20.34
N SER C 156 21.04 9.50 -21.35
CA SER C 156 21.10 8.08 -21.67
C SER C 156 22.31 7.78 -22.55
N SER C 157 22.79 6.56 -22.43
CA SER C 157 23.94 6.02 -23.15
C SER C 157 25.26 6.70 -22.75
N SER C 158 25.24 8.03 -22.68
CA SER C 158 26.38 8.85 -22.28
C SER C 158 27.66 8.48 -23.04
N SER C 159 27.53 8.19 -24.34
CA SER C 159 28.64 7.88 -25.22
C SER C 159 29.26 9.18 -25.72
N PRO C 160 30.47 9.14 -26.29
CA PRO C 160 30.96 10.36 -26.97
C PRO C 160 30.05 10.73 -28.13
N ASP C 161 30.07 12.02 -28.47
CA ASP C 161 29.24 12.68 -29.47
C ASP C 161 27.76 12.70 -29.09
N SER C 162 27.43 12.30 -27.86
CA SER C 162 26.08 12.40 -27.32
C SER C 162 25.79 13.81 -26.82
N ARG C 163 24.52 14.19 -26.88
CA ARG C 163 24.08 15.49 -26.36
C ARG C 163 23.98 15.40 -24.84
N ALA C 164 25.04 15.84 -24.16
CA ALA C 164 25.12 15.76 -22.70
C ALA C 164 24.15 16.74 -22.05
N VAL C 165 23.47 16.27 -21.00
CA VAL C 165 22.45 17.05 -20.31
C VAL C 165 22.64 16.93 -18.80
N THR C 166 22.57 18.06 -18.10
CA THR C 166 22.57 18.09 -16.65
C THR C 166 21.18 18.41 -16.14
N CYS C 167 20.62 17.54 -15.31
CA CYS C 167 19.30 17.75 -14.75
C CYS C 167 19.32 17.95 -13.23
N GLY C 168 18.28 18.62 -12.73
CA GLY C 168 18.08 18.80 -11.31
C GLY C 168 17.31 17.64 -10.73
N MET C 169 16.81 17.84 -9.50
CA MET C 169 15.98 16.85 -8.83
C MET C 169 14.52 16.91 -9.30
N ALA C 170 13.86 15.76 -9.26
CA ALA C 170 12.43 15.71 -9.54
C ALA C 170 11.65 16.33 -8.38
N SER C 171 10.58 17.04 -8.70
CA SER C 171 9.73 17.67 -7.69
C SER C 171 8.27 17.42 -8.02
N LEU C 172 7.43 17.45 -6.98
CA LEU C 172 5.99 17.25 -7.15
C LEU C 172 5.32 18.55 -7.57
N SER C 173 4.54 18.48 -8.65
CA SER C 173 3.76 19.61 -9.11
C SER C 173 2.44 19.65 -8.36
N ALA C 174 1.94 20.87 -8.13
CA ALA C 174 0.61 21.03 -7.55
C ALA C 174 -0.50 20.61 -8.50
N GLU C 175 -0.25 20.67 -9.80
CA GLU C 175 -1.23 20.33 -10.82
C GLU C 175 -1.34 18.82 -11.02
N LYS C 176 -2.46 18.22 -10.57
CA LYS C 176 -2.73 16.80 -10.73
C LYS C 176 -3.59 16.57 -11.98
N VAL C 177 -3.22 15.61 -12.82
CA VAL C 177 -3.89 15.40 -14.14
C VAL C 177 -5.08 14.46 -13.98
N THR C 178 -6.05 14.50 -14.90
CA THR C 178 -7.25 13.62 -14.89
C THR C 178 -7.29 12.75 -16.16
N LEU C 179 -7.32 11.42 -16.03
CA LEU C 179 -7.46 10.48 -17.18
C LEU C 179 -8.67 9.61 -16.87
N ASP C 180 -9.53 9.34 -17.85
CA ASP C 180 -10.79 8.61 -17.59
C ASP C 180 -11.45 9.46 -16.49
N GLN C 181 -11.98 8.88 -15.41
CA GLN C 181 -12.50 9.69 -14.27
C GLN C 181 -11.41 9.75 -13.19
N ARG C 182 -10.32 9.01 -13.37
CA ARG C 182 -9.26 8.91 -12.33
C ARG C 182 -8.32 10.11 -12.42
N ASP C 183 -7.64 10.45 -11.34
CA ASP C 183 -6.66 11.57 -11.29
C ASP C 183 -5.30 10.99 -10.94
N TYR C 184 -4.21 11.52 -11.50
CA TYR C 184 -2.84 11.03 -11.24
C TYR C 184 -1.94 12.21 -10.85
N GLU C 185 -1.02 12.04 -9.88
CA GLU C 185 -0.12 13.09 -9.42
C GLU C 185 1.09 13.22 -10.37
N LYS C 186 1.55 14.45 -10.60
CA LYS C 186 2.57 14.73 -11.60
C LYS C 186 3.88 15.23 -10.99
N TYR C 187 5.00 14.66 -11.45
CA TYR C 187 6.34 15.09 -11.09
C TYR C 187 7.02 15.76 -12.29
N SER C 188 7.87 16.75 -12.01
CA SER C 188 8.58 17.47 -13.08
C SER C 188 10.03 17.72 -12.65
N VAL C 189 10.91 17.89 -13.64
CA VAL C 189 12.33 18.13 -13.42
C VAL C 189 12.84 19.11 -14.47
N SER C 190 13.75 20.00 -14.08
CA SER C 190 14.36 20.94 -15.01
C SER C 190 15.73 20.44 -15.48
N CYS C 191 16.00 20.61 -16.77
CA CYS C 191 17.23 20.14 -17.38
C CYS C 191 17.83 21.22 -18.26
N GLN C 192 19.15 21.17 -18.41
CA GLN C 192 19.92 22.11 -19.23
C GLN C 192 20.94 21.33 -20.05
N GLU C 193 20.95 21.55 -21.35
CA GLU C 193 22.02 21.00 -22.19
C GLU C 193 23.33 21.72 -21.86
N ASP C 194 24.41 20.94 -21.68
CA ASP C 194 25.64 21.52 -21.19
C ASP C 194 26.32 22.44 -22.21
N VAL C 195 26.23 22.10 -23.49
CA VAL C 195 26.79 22.95 -24.54
C VAL C 195 25.74 23.14 -25.61
N THR C 196 25.54 24.40 -26.03
CA THR C 196 24.49 24.73 -26.96
C THR C 196 24.98 25.74 -27.99
N CYS C 197 24.40 25.62 -29.18
CA CYS C 197 24.27 26.74 -30.10
C CYS C 197 22.81 26.61 -30.50
N PRO C 198 21.96 27.59 -30.18
CA PRO C 198 20.53 27.44 -30.48
C PRO C 198 20.22 27.59 -31.95
N THR C 199 21.14 28.14 -32.73
CA THR C 199 20.91 28.34 -34.14
C THR C 199 21.21 27.09 -34.95
N ALA C 200 22.09 26.25 -34.44
CA ALA C 200 22.53 25.09 -35.19
C ALA C 200 21.41 24.05 -35.28
N GLU C 201 21.41 23.32 -36.39
CA GLU C 201 20.47 22.22 -36.61
C GLU C 201 20.90 21.01 -35.80
N GLU C 202 19.94 20.35 -35.16
CA GLU C 202 20.18 19.17 -34.32
C GLU C 202 20.23 17.90 -35.16
N THR C 203 21.44 17.42 -35.46
CA THR C 203 21.57 16.19 -36.24
C THR C 203 21.31 14.92 -35.43
N LEU C 204 21.40 14.98 -34.11
CA LEU C 204 21.19 13.83 -33.23
C LEU C 204 20.21 14.22 -32.13
N PRO C 205 19.43 13.28 -31.63
CA PRO C 205 18.50 13.60 -30.54
C PRO C 205 19.17 13.66 -29.17
N ILE C 206 18.41 14.19 -28.21
CA ILE C 206 18.71 14.09 -26.78
C ILE C 206 18.03 12.86 -26.23
N GLU C 207 18.81 12.00 -25.59
CA GLU C 207 18.34 10.76 -24.97
C GLU C 207 18.45 10.86 -23.46
N LEU C 208 17.36 10.52 -22.77
CA LEU C 208 17.31 10.57 -21.32
C LEU C 208 16.83 9.23 -20.75
N ALA C 209 17.32 8.91 -19.57
CA ALA C 209 16.91 7.71 -18.83
C ALA C 209 16.43 8.15 -17.45
N LEU C 210 15.23 7.73 -17.07
CA LEU C 210 14.69 7.99 -15.74
C LEU C 210 14.75 6.70 -14.93
N GLU C 211 15.39 6.76 -13.77
CA GLU C 211 15.39 5.64 -12.84
C GLU C 211 14.29 5.93 -11.84
N ALA C 212 13.42 4.94 -11.62
CA ALA C 212 12.28 5.10 -10.74
C ALA C 212 12.30 3.99 -9.69
N ARG C 213 12.05 4.38 -8.44
CA ARG C 213 11.97 3.42 -7.35
C ARG C 213 10.70 3.68 -6.54
N GLN C 214 10.08 2.59 -6.08
CA GLN C 214 8.91 2.63 -5.20
C GLN C 214 9.09 1.49 -4.21
N GLN C 215 9.26 1.84 -2.93
CA GLN C 215 9.70 0.92 -1.88
C GLN C 215 10.81 0.05 -2.44
N ASN C 216 10.64 -1.26 -2.47
CA ASN C 216 11.67 -2.20 -2.91
C ASN C 216 11.59 -2.55 -4.40
N LYS C 217 10.88 -1.75 -5.19
CA LYS C 217 10.69 -1.98 -6.61
C LYS C 217 11.51 -1.00 -7.42
N TYR C 218 12.20 -1.50 -8.44
CA TYR C 218 12.97 -0.69 -9.38
C TYR C 218 12.42 -0.80 -10.79
N GLU C 219 12.33 0.35 -11.46
CA GLU C 219 11.98 0.45 -12.87
C GLU C 219 12.81 1.59 -13.44
N ASN C 220 12.90 1.63 -14.76
CA ASN C 220 13.52 2.77 -15.42
C ASN C 220 12.94 2.98 -16.81
N TYR C 221 13.04 4.24 -17.27
CA TYR C 221 12.30 4.70 -18.45
C TYR C 221 13.24 5.51 -19.33
N SER C 222 13.04 5.44 -20.65
CA SER C 222 13.86 6.17 -21.60
C SER C 222 13.01 6.87 -22.63
N THR C 223 13.54 7.97 -23.15
CA THR C 223 12.89 8.77 -24.19
C THR C 223 13.96 9.39 -25.08
N SER C 224 13.57 9.71 -26.32
CA SER C 224 14.45 10.38 -27.28
C SER C 224 13.64 11.41 -28.05
N PHE C 225 14.21 12.60 -28.23
CA PHE C 225 13.50 13.69 -28.87
C PHE C 225 14.49 14.73 -29.39
N PHE C 226 13.99 15.63 -30.23
CA PHE C 226 14.74 16.80 -30.68
C PHE C 226 14.12 18.03 -30.02
N ILE C 227 14.95 19.03 -29.70
CA ILE C 227 14.42 20.23 -29.04
C ILE C 227 13.34 20.87 -29.92
N ARG C 228 13.57 20.91 -31.23
CA ARG C 228 12.61 21.51 -32.16
C ARG C 228 11.23 20.88 -32.07
N ASP C 229 11.13 19.61 -31.70
CA ASP C 229 9.83 18.94 -31.62
C ASP C 229 9.07 19.29 -30.34
N ILE C 230 9.77 19.68 -29.28
CA ILE C 230 9.14 19.95 -27.99
C ILE C 230 9.03 21.45 -27.72
N ILE C 231 9.31 22.29 -28.72
CA ILE C 231 9.13 23.72 -28.55
C ILE C 231 7.65 23.99 -28.32
N LYS C 232 7.34 24.65 -27.20
CA LYS C 232 5.99 25.15 -26.95
C LYS C 232 6.20 26.57 -26.39
N PRO C 233 6.14 27.60 -27.26
CA PRO C 233 6.37 28.97 -26.79
C PRO C 233 5.38 29.44 -25.74
N ASP C 234 5.79 30.45 -24.99
CA ASP C 234 4.90 31.06 -24.02
C ASP C 234 3.82 31.89 -24.69
N PRO C 235 2.71 32.14 -24.00
CA PRO C 235 1.65 32.98 -24.58
C PRO C 235 2.10 34.40 -24.77
N PRO C 236 1.56 35.11 -25.77
CA PRO C 236 1.97 36.51 -25.99
C PRO C 236 1.73 37.43 -24.80
N LYS C 237 2.64 38.39 -24.62
CA LYS C 237 2.61 39.30 -23.49
C LYS C 237 2.00 40.64 -23.87
N ASN C 238 1.52 41.36 -22.86
CA ASN C 238 1.00 42.71 -23.04
C ASN C 238 -0.07 42.76 -24.11
N LEU C 239 -0.99 41.81 -24.07
CA LEU C 239 -2.12 41.87 -24.98
C LEU C 239 -3.02 43.04 -24.59
N GLN C 240 -3.20 43.98 -25.52
CA GLN C 240 -3.94 45.22 -25.29
C GLN C 240 -4.90 45.47 -26.43
N MET C 241 -5.84 46.40 -26.19
CA MET C 241 -6.83 46.83 -27.17
C MET C 241 -6.89 48.35 -27.24
N LYS C 242 -7.04 48.89 -28.43
CA LYS C 242 -7.27 50.32 -28.57
C LYS C 242 -8.52 50.48 -29.42
N PRO C 243 -9.57 51.12 -28.91
CA PRO C 243 -10.80 51.27 -29.71
C PRO C 243 -10.63 52.29 -30.82
N LEU C 244 -11.38 52.07 -31.90
CA LEU C 244 -11.37 52.90 -33.09
C LEU C 244 -12.82 53.10 -33.55
N LYS C 245 -13.01 54.07 -34.46
CA LYS C 245 -14.33 54.32 -35.03
C LYS C 245 -14.77 53.12 -35.86
N ASN C 246 -16.09 53.03 -36.10
CA ASN C 246 -16.73 51.92 -36.81
C ASN C 246 -16.59 50.60 -36.06
N SER C 247 -16.62 50.68 -34.72
CA SER C 247 -16.58 49.52 -33.82
C SER C 247 -15.37 48.65 -34.08
N GLN C 248 -14.36 49.19 -34.75
CA GLN C 248 -13.10 48.48 -34.86
C GLN C 248 -12.34 48.63 -33.57
N VAL C 249 -11.52 47.62 -33.26
CA VAL C 249 -10.49 47.73 -32.24
C VAL C 249 -9.18 47.18 -32.76
N GLU C 250 -8.08 47.80 -32.35
CA GLU C 250 -6.75 47.25 -32.60
C GLU C 250 -6.35 46.37 -31.43
N VAL C 251 -5.84 45.18 -31.72
CA VAL C 251 -5.31 44.30 -30.69
C VAL C 251 -3.85 44.09 -31.03
N SER C 252 -3.00 44.11 -30.00
CA SER C 252 -1.56 44.02 -30.21
C SER C 252 -0.95 43.28 -29.05
N TRP C 253 0.21 42.70 -29.31
CA TRP C 253 0.89 41.88 -28.31
C TRP C 253 2.37 41.87 -28.67
N GLU C 254 3.16 41.23 -27.81
CA GLU C 254 4.60 41.10 -28.02
C GLU C 254 5.02 39.66 -27.88
N TYR C 255 6.21 39.37 -28.42
CA TYR C 255 6.82 38.07 -28.22
C TYR C 255 7.06 37.87 -26.72
N PRO C 256 6.89 36.65 -26.20
CA PRO C 256 7.14 36.45 -24.77
C PRO C 256 8.62 36.56 -24.43
N ASP C 257 8.88 36.85 -23.15
CA ASP C 257 10.26 37.10 -22.73
C ASP C 257 11.13 35.85 -22.72
N SER C 258 10.51 34.66 -22.74
CA SER C 258 11.25 33.41 -22.74
C SER C 258 11.77 33.05 -24.13
N TRP C 259 11.24 33.68 -25.17
CA TRP C 259 11.51 33.25 -26.53
C TRP C 259 12.91 33.64 -26.94
N SER C 260 13.52 32.77 -27.75
CA SER C 260 14.86 32.98 -28.25
C SER C 260 14.93 34.21 -29.13
N THR C 261 16.06 34.91 -29.03
CA THR C 261 16.33 36.12 -29.78
C THR C 261 17.56 35.87 -30.65
N PRO C 262 17.72 36.63 -31.74
CA PRO C 262 16.89 37.69 -32.30
C PRO C 262 15.58 37.17 -32.89
N HIS C 263 14.52 37.98 -32.77
CA HIS C 263 13.22 37.56 -33.26
C HIS C 263 13.13 37.53 -34.78
N SER C 264 14.06 38.19 -35.47
CA SER C 264 14.12 38.10 -36.93
C SER C 264 14.51 36.72 -37.43
N TYR C 265 15.25 35.93 -36.64
CA TYR C 265 15.57 34.55 -36.99
C TYR C 265 14.61 33.55 -36.38
N PHE C 266 14.38 33.62 -35.07
CA PHE C 266 13.44 32.73 -34.40
C PHE C 266 12.12 33.48 -34.39
N SER C 267 11.38 33.38 -35.49
CA SER C 267 10.13 34.13 -35.66
C SER C 267 8.92 33.26 -35.37
N LEU C 268 7.84 33.91 -34.91
CA LEU C 268 6.59 33.26 -34.59
C LEU C 268 5.44 33.74 -35.46
N LYS C 269 4.56 32.83 -35.84
CA LYS C 269 3.28 33.15 -36.43
C LYS C 269 2.19 33.04 -35.35
N PHE C 270 1.14 33.87 -35.47
CA PHE C 270 0.08 33.96 -34.48
C PHE C 270 -1.27 33.68 -35.12
N PHE C 271 -2.22 33.23 -34.31
CA PHE C 271 -3.59 32.94 -34.77
C PHE C 271 -4.57 33.63 -33.84
N VAL C 272 -5.44 34.49 -34.39
CA VAL C 272 -6.37 35.31 -33.63
C VAL C 272 -7.80 34.79 -33.78
N ARG C 273 -8.48 34.59 -32.63
CA ARG C 273 -9.83 34.02 -32.52
C ARG C 273 -10.76 34.91 -31.70
N ILE C 274 -12.03 35.02 -32.13
CA ILE C 274 -13.08 35.70 -31.35
C ILE C 274 -13.99 34.67 -30.67
N GLN C 275 -14.23 34.86 -29.36
CA GLN C 275 -15.16 34.05 -28.57
C GLN C 275 -16.38 34.83 -28.06
N ARG C 276 -17.57 34.24 -28.20
CA ARG C 276 -18.81 34.84 -27.70
C ARG C 276 -18.86 34.95 -26.17
N LYS C 277 -18.39 33.93 -25.45
CA LYS C 277 -18.43 33.96 -23.98
C LYS C 277 -17.21 33.30 -23.36
N GLY C 287 -3.69 22.86 -28.23
CA GLY C 287 -4.89 23.30 -28.91
C GLY C 287 -4.60 23.90 -30.27
N CYS C 288 -3.47 23.56 -30.88
CA CYS C 288 -3.04 24.21 -32.12
C CYS C 288 -4.12 24.34 -33.19
N ASN C 289 -4.69 23.23 -33.62
CA ASN C 289 -5.63 23.23 -34.74
C ASN C 289 -7.02 22.79 -34.33
N GLN C 290 -7.30 22.85 -33.04
CA GLN C 290 -8.59 22.44 -32.52
C GLN C 290 -9.64 23.51 -32.77
N LYS C 291 -9.24 24.76 -33.07
CA LYS C 291 -10.20 25.84 -33.25
C LYS C 291 -9.82 26.72 -34.44
N GLY C 292 -10.85 27.29 -35.08
CA GLY C 292 -10.66 28.16 -36.23
C GLY C 292 -10.18 29.55 -35.83
N ALA C 293 -9.25 30.08 -36.61
CA ALA C 293 -8.68 31.39 -36.35
C ALA C 293 -7.98 31.84 -37.62
N PHE C 294 -7.63 33.11 -37.68
CA PHE C 294 -7.04 33.67 -38.88
C PHE C 294 -5.59 34.05 -38.60
N LEU C 295 -4.73 33.71 -39.56
CA LEU C 295 -3.29 33.78 -39.37
C LEU C 295 -2.78 35.18 -39.60
N VAL C 296 -1.99 35.67 -38.65
CA VAL C 296 -1.29 36.93 -38.81
C VAL C 296 0.13 36.74 -38.30
N GLU C 297 1.13 37.22 -39.08
CA GLU C 297 2.53 37.13 -38.70
C GLU C 297 3.05 38.40 -38.04
N LYS C 298 2.32 39.50 -38.14
CA LYS C 298 2.58 40.74 -37.43
C LYS C 298 1.98 40.65 -36.03
N THR C 299 2.47 41.49 -35.13
CA THR C 299 2.02 41.47 -33.73
C THR C 299 0.78 42.34 -33.48
N SER C 300 0.11 42.82 -34.51
CA SER C 300 -1.10 43.61 -34.28
C SER C 300 -2.07 43.47 -35.46
N THR C 301 -3.37 43.50 -35.15
CA THR C 301 -4.45 43.43 -36.14
C THR C 301 -5.60 44.32 -35.70
N GLU C 302 -6.51 44.60 -36.64
CA GLU C 302 -7.77 45.27 -36.35
C GLU C 302 -8.93 44.29 -36.50
N VAL C 303 -9.84 44.31 -35.53
CA VAL C 303 -10.94 43.35 -35.46
C VAL C 303 -12.18 44.05 -34.92
N GLN C 304 -13.34 43.69 -35.47
CA GLN C 304 -14.66 44.21 -35.10
C GLN C 304 -15.48 43.21 -34.28
N CYS C 305 -15.29 43.22 -32.96
CA CYS C 305 -16.09 42.33 -32.09
C CYS C 305 -17.34 42.95 -31.45
N LYS C 306 -17.23 44.15 -30.88
CA LYS C 306 -18.35 44.84 -30.21
C LYS C 306 -19.03 43.97 -29.13
N GLY C 307 -18.30 43.03 -28.53
CA GLY C 307 -18.93 42.19 -27.53
C GLY C 307 -18.50 40.74 -27.50
N GLY C 308 -17.52 40.42 -26.65
CA GLY C 308 -16.95 39.08 -26.51
C GLY C 308 -15.53 39.15 -25.96
N ASN C 309 -14.70 38.20 -26.41
CA ASN C 309 -13.29 38.13 -26.06
C ASN C 309 -12.47 37.90 -27.32
N VAL C 310 -11.23 38.36 -27.29
CA VAL C 310 -10.27 38.16 -28.37
C VAL C 310 -9.06 37.44 -27.81
N CYS C 311 -8.69 36.33 -28.43
CA CYS C 311 -7.59 35.50 -27.95
C CYS C 311 -6.54 35.37 -29.04
N VAL C 312 -5.29 35.15 -28.62
CA VAL C 312 -4.18 34.94 -29.54
C VAL C 312 -3.25 33.86 -28.98
N GLN C 313 -2.75 32.99 -29.86
CA GLN C 313 -1.74 31.99 -29.54
C GLN C 313 -0.57 32.15 -30.51
N ALA C 314 0.58 31.56 -30.16
CA ALA C 314 1.79 31.69 -30.98
C ALA C 314 2.34 30.32 -31.35
N GLN C 315 3.03 30.29 -32.49
CA GLN C 315 3.65 29.09 -33.02
C GLN C 315 4.91 29.45 -33.80
N ASP C 316 5.86 28.52 -33.80
CA ASP C 316 7.06 28.67 -34.62
C ASP C 316 6.65 28.85 -36.09
N ARG C 317 7.27 29.84 -36.75
CA ARG C 317 6.85 30.17 -38.11
C ARG C 317 7.30 29.12 -39.12
N TYR C 318 8.48 28.55 -38.94
CA TYR C 318 9.07 27.67 -39.95
C TYR C 318 9.03 26.20 -39.59
N TYR C 319 8.47 25.82 -38.45
CA TYR C 319 8.43 24.42 -38.06
C TYR C 319 7.15 24.20 -37.30
N ASN C 320 6.53 23.03 -37.48
CA ASN C 320 5.24 22.75 -36.83
C ASN C 320 5.43 22.20 -35.42
N SER C 321 5.87 23.09 -34.55
CA SER C 321 6.03 22.86 -33.12
C SER C 321 4.69 23.02 -32.41
N SER C 322 4.66 22.64 -31.13
CA SER C 322 3.46 22.83 -30.33
C SER C 322 3.19 24.32 -30.13
N CYS C 323 1.90 24.65 -29.97
CA CYS C 323 1.46 26.04 -29.87
C CYS C 323 1.37 26.54 -28.43
N SER C 324 1.42 27.86 -28.28
CA SER C 324 1.30 28.48 -26.98
C SER C 324 -0.12 28.36 -26.44
N LYS C 325 -0.23 28.63 -25.14
CA LYS C 325 -1.52 28.81 -24.50
C LYS C 325 -2.18 30.07 -25.05
N TRP C 326 -3.50 30.10 -25.04
CA TRP C 326 -4.21 31.29 -25.51
C TRP C 326 -4.09 32.43 -24.50
N ALA C 327 -3.77 33.62 -24.98
CA ALA C 327 -3.85 34.85 -24.20
C ALA C 327 -5.12 35.57 -24.65
N CYS C 328 -5.96 35.94 -23.69
CA CYS C 328 -7.25 36.52 -24.03
C CYS C 328 -7.51 37.84 -23.33
N VAL C 329 -8.23 38.73 -24.02
CA VAL C 329 -8.70 39.98 -23.43
C VAL C 329 -10.17 40.15 -23.79
N PRO C 330 -10.99 40.76 -22.93
CA PRO C 330 -12.39 41.01 -23.27
C PRO C 330 -12.58 42.17 -24.23
N CYS C 331 -13.52 42.01 -25.15
CA CYS C 331 -13.85 43.06 -26.10
C CYS C 331 -15.00 43.89 -25.58
N ARG C 332 -14.68 45.07 -25.06
CA ARG C 332 -15.73 45.99 -24.61
C ARG C 332 -15.31 47.40 -25.03
N VAL C 333 -16.27 48.19 -25.53
CA VAL C 333 -15.96 49.55 -25.95
C VAL C 333 -16.92 50.55 -25.27
N MET D 23 67.60 24.82 -42.67
CA MET D 23 66.86 23.68 -43.18
C MET D 23 65.80 23.24 -42.16
N TRP D 24 64.60 22.93 -42.64
CA TRP D 24 63.52 22.47 -41.77
C TRP D 24 62.74 21.40 -42.51
N GLU D 25 62.23 20.42 -41.75
CA GLU D 25 61.53 19.30 -42.35
C GLU D 25 60.08 19.65 -42.66
N LEU D 26 59.67 19.40 -43.90
CA LEU D 26 58.30 19.62 -44.37
C LEU D 26 57.44 18.37 -44.21
N GLU D 27 58.01 17.23 -44.59
CA GLU D 27 57.39 15.92 -44.41
C GLU D 27 58.54 14.92 -44.39
N LYS D 28 58.22 13.67 -44.08
CA LYS D 28 59.26 12.67 -43.92
C LYS D 28 60.19 12.62 -45.12
N ASP D 29 61.48 12.76 -44.87
CA ASP D 29 62.52 12.70 -45.90
C ASP D 29 62.42 13.82 -46.94
N VAL D 30 61.68 14.89 -46.65
CA VAL D 30 61.56 16.04 -47.54
C VAL D 30 61.88 17.29 -46.73
N TYR D 31 62.92 18.02 -47.12
CA TYR D 31 63.43 19.13 -46.34
C TYR D 31 63.44 20.40 -47.17
N VAL D 32 63.16 21.53 -46.53
CA VAL D 32 63.16 22.84 -47.17
C VAL D 32 64.40 23.59 -46.73
N VAL D 33 65.17 24.08 -47.70
CA VAL D 33 66.35 24.88 -47.41
C VAL D 33 66.08 26.32 -47.80
N GLU D 34 66.28 27.22 -46.86
CA GLU D 34 66.04 28.65 -47.07
C GLU D 34 67.32 29.28 -47.59
N VAL D 35 67.29 29.75 -48.84
CA VAL D 35 68.48 30.23 -49.53
C VAL D 35 68.37 31.70 -49.87
N ASP D 36 69.33 32.48 -49.39
CA ASP D 36 69.46 33.89 -49.76
C ASP D 36 69.93 34.00 -51.22
N TRP D 37 69.15 34.68 -52.06
CA TRP D 37 69.41 34.76 -53.50
C TRP D 37 70.08 36.06 -53.93
N THR D 38 70.70 36.77 -53.01
CA THR D 38 71.53 37.91 -53.37
C THR D 38 72.83 37.39 -53.99
N PRO D 39 73.40 38.11 -54.97
CA PRO D 39 74.32 37.43 -55.91
C PRO D 39 75.62 36.92 -55.30
N ASP D 40 76.09 37.50 -54.18
CA ASP D 40 77.35 37.11 -53.55
C ASP D 40 77.11 36.37 -52.24
N ALA D 41 75.88 35.93 -51.98
CA ALA D 41 75.53 35.25 -50.74
C ALA D 41 76.20 33.88 -50.66
N PRO D 42 76.72 33.51 -49.50
CA PRO D 42 77.24 32.14 -49.33
C PRO D 42 76.10 31.14 -49.21
N GLY D 43 76.35 29.94 -49.72
CA GLY D 43 75.36 28.88 -49.62
C GLY D 43 75.22 28.28 -48.23
N GLU D 44 74.01 27.88 -47.89
CA GLU D 44 73.77 27.27 -46.59
C GLU D 44 74.34 25.85 -46.59
N THR D 45 75.06 25.50 -45.53
CA THR D 45 75.56 24.14 -45.31
C THR D 45 74.55 23.27 -44.58
N VAL D 46 74.22 22.12 -45.15
CA VAL D 46 73.24 21.19 -44.59
C VAL D 46 73.85 19.80 -44.49
N ASN D 47 73.29 18.99 -43.58
CA ASN D 47 73.75 17.63 -43.34
C ASN D 47 72.60 16.68 -43.63
N LEU D 48 72.91 15.58 -44.29
CA LEU D 48 71.95 14.55 -44.63
C LEU D 48 72.45 13.25 -44.04
N THR D 49 71.58 12.54 -43.35
CA THR D 49 71.94 11.31 -42.65
C THR D 49 71.20 10.12 -43.24
N CYS D 50 71.96 9.09 -43.61
CA CYS D 50 71.39 7.88 -44.17
C CYS D 50 70.58 7.15 -43.10
N ASP D 51 69.33 6.81 -43.42
CA ASP D 51 68.46 6.15 -42.45
C ASP D 51 68.75 4.65 -42.51
N THR D 52 69.75 4.23 -41.74
CA THR D 52 70.21 2.84 -41.73
C THR D 52 70.87 2.57 -40.39
N PRO D 53 70.93 1.31 -39.95
CA PRO D 53 71.76 0.97 -38.78
C PRO D 53 73.24 0.74 -39.08
N GLU D 54 73.68 0.80 -40.34
CA GLU D 54 75.06 0.52 -40.69
C GLU D 54 75.82 1.83 -40.88
N GLU D 55 77.15 1.76 -40.81
CA GLU D 55 77.93 2.99 -40.91
C GLU D 55 79.00 3.00 -42.00
N ASP D 56 79.57 1.83 -42.32
CA ASP D 56 80.72 1.75 -43.23
C ASP D 56 80.30 1.64 -44.70
N ASP D 57 81.19 2.11 -45.57
CA ASP D 57 81.06 1.94 -47.03
C ASP D 57 79.77 2.53 -47.61
N ILE D 58 79.24 3.58 -47.01
CA ILE D 58 78.03 4.24 -47.51
C ILE D 58 78.41 5.31 -48.54
N THR D 59 77.77 5.26 -49.71
CA THR D 59 77.97 6.22 -50.78
C THR D 59 76.68 6.98 -51.08
N TRP D 60 76.83 8.20 -51.65
CA TRP D 60 75.71 9.08 -51.95
C TRP D 60 75.69 9.46 -53.43
N THR D 61 74.49 9.58 -54.00
CA THR D 61 74.27 10.02 -55.37
C THR D 61 73.18 11.10 -55.38
N SER D 62 73.06 11.80 -56.51
CA SER D 62 72.03 12.83 -56.67
C SER D 62 71.38 12.74 -58.05
N ASP D 63 70.11 13.13 -58.11
CA ASP D 63 69.35 13.13 -59.36
C ASP D 63 69.70 14.29 -60.27
N GLN D 64 70.50 15.23 -59.79
CA GLN D 64 71.04 16.34 -60.56
C GLN D 64 72.44 16.07 -61.09
N ARG D 65 73.13 15.05 -60.60
CA ARG D 65 74.54 14.86 -60.88
C ARG D 65 74.88 13.40 -61.13
N HIS D 66 75.49 13.12 -62.28
CA HIS D 66 75.89 11.75 -62.56
C HIS D 66 77.03 11.36 -61.64
N GLY D 67 77.04 10.10 -61.25
CA GLY D 67 78.10 9.54 -60.43
C GLY D 67 77.88 9.69 -58.94
N VAL D 68 78.92 9.29 -58.21
CA VAL D 68 78.96 9.35 -56.76
C VAL D 68 79.50 10.70 -56.31
N ILE D 69 78.76 11.39 -55.46
CA ILE D 69 79.10 12.74 -55.02
C ILE D 69 79.60 12.79 -53.58
N GLY D 70 79.73 11.65 -52.90
CA GLY D 70 80.22 11.68 -51.54
C GLY D 70 80.13 10.32 -50.88
N SER D 71 80.55 10.28 -49.61
CA SER D 71 80.62 9.03 -48.87
C SER D 71 80.51 9.32 -47.38
N GLY D 72 80.29 8.25 -46.63
CA GLY D 72 80.18 8.28 -45.18
C GLY D 72 78.73 8.32 -44.71
N LYS D 73 78.58 8.15 -43.40
CA LYS D 73 77.24 8.15 -42.81
C LYS D 73 76.53 9.49 -42.99
N THR D 74 77.27 10.59 -42.91
CA THR D 74 76.68 11.92 -42.98
C THR D 74 77.30 12.68 -44.13
N LEU D 75 76.45 13.16 -45.04
CA LEU D 75 76.89 13.96 -46.18
C LEU D 75 76.63 15.42 -45.88
N THR D 76 77.68 16.23 -46.02
CA THR D 76 77.61 17.68 -45.84
C THR D 76 77.79 18.30 -47.21
N ILE D 77 76.81 19.11 -47.63
CA ILE D 77 76.86 19.78 -48.92
C ILE D 77 76.49 21.24 -48.74
N THR D 78 76.88 22.05 -49.72
CA THR D 78 76.58 23.47 -49.78
C THR D 78 75.64 23.75 -50.93
N VAL D 79 74.50 24.36 -50.63
CA VAL D 79 73.45 24.58 -51.62
C VAL D 79 73.27 26.08 -51.85
N LYS D 80 73.27 26.46 -53.12
CA LYS D 80 72.98 27.83 -53.56
C LYS D 80 72.15 27.86 -54.84
N GLU D 81 72.27 26.85 -55.70
CA GLU D 81 71.54 26.73 -56.95
C GLU D 81 70.65 25.49 -56.92
N PHE D 82 69.69 25.43 -57.85
CA PHE D 82 68.79 24.29 -57.90
C PHE D 82 69.47 23.01 -58.38
N LEU D 83 70.73 23.09 -58.80
CA LEU D 83 71.50 21.89 -59.10
C LEU D 83 71.95 21.20 -57.82
N ASP D 84 71.83 21.90 -56.69
CA ASP D 84 72.14 21.34 -55.38
C ASP D 84 70.90 20.85 -54.65
N ALA D 85 69.76 20.77 -55.33
CA ALA D 85 68.49 20.38 -54.76
C ALA D 85 68.09 19.00 -55.29
N GLY D 86 66.88 18.59 -54.98
CA GLY D 86 66.36 17.33 -55.48
C GLY D 86 66.57 16.17 -54.53
N GLN D 87 66.39 14.97 -55.09
CA GLN D 87 66.52 13.74 -54.33
C GLN D 87 67.97 13.27 -54.15
N TYR D 88 68.36 13.05 -52.91
CA TYR D 88 69.65 12.46 -52.55
C TYR D 88 69.43 11.06 -51.96
N THR D 89 70.23 10.09 -52.42
CA THR D 89 70.05 8.70 -52.06
C THR D 89 71.39 8.09 -51.61
N CYS D 90 71.38 7.44 -50.46
CA CYS D 90 72.56 6.73 -49.96
C CYS D 90 72.49 5.26 -50.35
N HIS D 91 73.67 4.64 -50.56
CA HIS D 91 73.74 3.25 -50.98
C HIS D 91 74.86 2.50 -50.26
N LYS D 92 74.69 1.17 -50.17
CA LYS D 92 75.77 0.30 -49.71
C LYS D 92 75.75 -1.00 -50.48
N GLY D 93 76.88 -1.38 -51.05
CA GLY D 93 77.01 -2.63 -51.79
C GLY D 93 76.15 -2.77 -53.02
N GLY D 94 75.68 -1.67 -53.60
CA GLY D 94 74.89 -1.73 -54.80
C GLY D 94 73.40 -1.76 -54.58
N GLU D 95 72.93 -1.61 -53.34
CA GLU D 95 71.51 -1.56 -53.07
C GLU D 95 71.13 -0.23 -52.44
N THR D 96 69.86 0.17 -52.65
CA THR D 96 69.31 1.39 -52.07
C THR D 96 69.07 1.26 -50.57
N LEU D 97 69.35 2.32 -49.82
CA LEU D 97 69.09 2.32 -48.38
C LEU D 97 67.99 3.29 -47.98
N SER D 98 68.13 4.57 -48.32
CA SER D 98 67.11 5.58 -48.04
C SER D 98 67.40 6.78 -48.92
N HIS D 99 66.49 7.76 -48.89
CA HIS D 99 66.69 8.98 -49.65
C HIS D 99 66.19 10.17 -48.82
N SER D 100 66.65 11.36 -49.22
CA SER D 100 66.15 12.63 -48.73
C SER D 100 65.97 13.52 -49.96
N HIS D 101 64.91 14.34 -49.96
CA HIS D 101 64.62 15.25 -51.06
C HIS D 101 64.76 16.67 -50.54
N LEU D 102 65.50 17.52 -51.25
CA LEU D 102 65.71 18.90 -50.84
C LEU D 102 64.92 19.88 -51.70
N LEU D 103 64.12 20.72 -51.04
CA LEU D 103 63.38 21.82 -51.64
C LEU D 103 64.01 23.14 -51.23
N LEU D 104 64.10 24.08 -52.17
CA LEU D 104 64.68 25.40 -51.97
C LEU D 104 63.62 26.49 -51.89
N HIS D 105 63.72 27.33 -50.86
CA HIS D 105 62.82 28.47 -50.68
C HIS D 105 63.61 29.75 -50.91
N LYS D 106 63.39 30.41 -52.05
CA LYS D 106 64.18 31.59 -52.38
C LYS D 106 63.80 32.77 -51.49
N LYS D 107 64.80 33.44 -50.93
CA LYS D 107 64.59 34.74 -50.28
C LYS D 107 65.53 35.73 -50.93
N GLU D 108 65.00 36.61 -51.76
CA GLU D 108 65.80 37.56 -52.52
C GLU D 108 65.56 38.98 -52.03
N ASN D 109 66.64 39.66 -51.64
CA ASN D 109 66.55 41.01 -51.07
C ASN D 109 65.67 41.03 -49.82
N GLY D 110 65.58 39.91 -49.11
CA GLY D 110 64.78 39.80 -47.92
C GLY D 110 63.32 39.44 -48.13
N ILE D 111 62.88 39.30 -49.39
CA ILE D 111 61.48 39.04 -49.71
C ILE D 111 61.34 37.61 -50.21
N TRP D 112 60.46 36.85 -49.59
CA TRP D 112 60.21 35.49 -50.03
C TRP D 112 59.63 35.52 -51.44
N SER D 113 60.05 34.58 -52.26
CA SER D 113 59.62 34.56 -53.65
C SER D 113 58.18 34.12 -53.77
N THR D 114 57.48 34.73 -54.72
CA THR D 114 56.08 34.48 -55.01
C THR D 114 55.90 34.08 -56.48
N GLU D 115 56.92 33.44 -57.03
CA GLU D 115 57.05 33.25 -58.46
C GLU D 115 56.27 32.07 -59.02
N ILE D 116 55.69 31.21 -58.19
CA ILE D 116 54.93 30.06 -58.69
C ILE D 116 53.54 30.45 -59.14
N LEU D 117 52.91 31.36 -58.44
CA LEU D 117 51.53 31.70 -58.68
C LEU D 117 51.47 33.02 -59.43
N LYS D 118 50.41 33.19 -60.19
CA LYS D 118 50.17 34.44 -60.90
C LYS D 118 49.12 35.18 -60.09
N ASN D 119 49.41 36.43 -59.78
CA ASN D 119 48.44 37.28 -59.09
C ASN D 119 47.29 37.60 -60.03
N PHE D 120 46.13 37.86 -59.44
CA PHE D 120 44.92 38.26 -60.13
C PHE D 120 45.00 39.73 -60.57
N LYS D 121 43.97 40.22 -61.25
CA LYS D 121 43.95 41.63 -61.64
C LYS D 121 44.21 42.57 -60.47
N ASN D 122 43.64 42.28 -59.32
CA ASN D 122 44.05 42.88 -58.06
C ASN D 122 45.08 41.98 -57.40
N LYS D 123 45.95 42.56 -56.59
CA LYS D 123 47.24 41.91 -56.40
C LYS D 123 47.22 40.77 -55.40
N THR D 124 46.06 40.13 -55.21
CA THR D 124 45.98 38.95 -54.37
C THR D 124 46.41 37.72 -55.16
N PHE D 125 46.98 36.74 -54.47
CA PHE D 125 47.24 35.44 -55.10
C PHE D 125 46.16 34.43 -54.77
N LEU D 126 45.58 34.51 -53.59
CA LEU D 126 44.50 33.63 -53.16
C LEU D 126 43.20 34.43 -53.17
N LYS D 127 42.16 33.88 -53.80
CA LYS D 127 40.84 34.50 -53.80
C LYS D 127 39.83 33.47 -53.35
N CYS D 128 39.01 33.85 -52.36
CA CYS D 128 38.05 32.91 -51.79
C CYS D 128 36.64 33.45 -51.90
N GLU D 129 35.70 32.53 -52.08
CA GLU D 129 34.30 32.85 -52.23
C GLU D 129 33.44 31.83 -51.49
N ALA D 130 32.37 32.32 -50.89
CA ALA D 130 31.40 31.48 -50.19
C ALA D 130 30.04 31.80 -50.76
N PRO D 131 29.28 30.80 -51.22
CA PRO D 131 27.96 31.09 -51.77
C PRO D 131 26.93 31.41 -50.71
N ASN D 132 27.22 31.12 -49.45
CA ASN D 132 26.26 31.24 -48.37
C ASN D 132 27.03 31.30 -47.05
N TYR D 133 26.28 31.33 -45.95
CA TYR D 133 26.86 31.48 -44.62
C TYR D 133 26.97 30.15 -43.88
N SER D 134 26.95 29.03 -44.60
CA SER D 134 27.02 27.72 -43.95
C SER D 134 28.41 27.36 -43.47
N GLY D 135 29.42 28.14 -43.80
CA GLY D 135 30.78 27.83 -43.42
C GLY D 135 31.57 27.07 -44.47
N ARG D 136 30.98 26.85 -45.64
CA ARG D 136 31.62 26.18 -46.75
C ARG D 136 32.00 27.25 -47.78
N PHE D 137 33.26 27.21 -48.24
CA PHE D 137 33.78 28.21 -49.16
C PHE D 137 34.85 27.55 -50.01
N THR D 138 35.22 28.20 -51.12
CA THR D 138 36.26 27.70 -52.01
C THR D 138 37.30 28.78 -52.22
N CYS D 139 38.57 28.35 -52.37
CA CYS D 139 39.68 29.25 -52.67
C CYS D 139 40.33 28.81 -53.96
N SER D 140 40.82 29.79 -54.72
CA SER D 140 41.41 29.54 -56.03
C SER D 140 42.64 30.41 -56.23
N TRP D 141 43.51 29.95 -57.14
CA TRP D 141 44.75 30.64 -57.49
C TRP D 141 45.14 30.31 -58.92
N LEU D 142 46.04 31.12 -59.48
CA LEU D 142 46.54 30.94 -60.84
C LEU D 142 48.02 30.51 -60.82
N VAL D 143 48.45 29.82 -61.88
CA VAL D 143 49.83 29.33 -61.97
C VAL D 143 50.52 29.88 -63.23
N GLN D 144 51.83 30.19 -63.09
CA GLN D 144 52.66 30.67 -64.19
C GLN D 144 52.98 29.55 -65.17
N ARG D 145 53.22 28.35 -64.65
CA ARG D 145 53.44 27.17 -65.46
C ARG D 145 52.64 26.08 -64.79
N ASN D 146 51.95 25.25 -65.57
CA ASN D 146 51.31 24.04 -65.05
C ASN D 146 52.24 22.84 -65.24
N MET D 147 53.33 22.85 -64.47
CA MET D 147 54.36 21.82 -64.61
C MET D 147 54.85 21.32 -63.26
N ASP D 148 54.58 20.05 -62.95
CA ASP D 148 55.08 19.38 -61.75
C ASP D 148 54.74 20.12 -60.46
N LEU D 149 53.47 20.47 -60.31
CA LEU D 149 52.98 21.23 -59.17
C LEU D 149 52.41 20.34 -58.07
N LYS D 150 52.64 20.73 -56.81
CA LYS D 150 51.96 20.16 -55.67
C LYS D 150 51.47 21.27 -54.74
N PHE D 151 50.27 21.08 -54.18
CA PHE D 151 49.67 22.07 -53.29
C PHE D 151 49.10 21.45 -52.02
N ASN D 152 49.19 22.23 -50.94
CA ASN D 152 48.59 21.91 -49.64
C ASN D 152 48.15 23.19 -48.97
N ILE D 153 46.92 23.22 -48.46
CA ILE D 153 46.39 24.42 -47.82
C ILE D 153 45.92 24.06 -46.42
N LYS D 154 46.33 24.85 -45.42
CA LYS D 154 46.04 24.59 -44.02
C LYS D 154 45.68 25.87 -43.28
N SER D 155 45.01 25.73 -42.15
CA SER D 155 44.84 26.87 -41.26
C SER D 155 46.18 27.37 -40.72
N SER D 156 46.34 28.69 -40.70
CA SER D 156 47.59 29.31 -40.26
C SER D 156 47.57 29.55 -38.75
N SER D 157 48.76 29.75 -38.18
CA SER D 157 48.96 30.01 -36.75
C SER D 157 48.71 28.83 -35.81
N SER D 158 47.67 28.05 -36.06
CA SER D 158 47.32 26.89 -35.22
C SER D 158 47.35 27.25 -33.73
N SER D 159 46.93 28.48 -33.39
CA SER D 159 46.78 28.87 -31.98
C SER D 159 45.48 28.30 -31.46
N PRO D 160 45.28 28.25 -30.14
CA PRO D 160 43.98 27.74 -29.65
C PRO D 160 42.79 28.66 -29.91
N ASP D 161 43.01 29.90 -30.37
CA ASP D 161 41.91 30.80 -30.72
C ASP D 161 41.73 30.92 -32.23
N SER D 162 42.44 30.13 -32.99
CA SER D 162 42.32 30.13 -34.44
C SER D 162 41.06 29.36 -34.84
N ARG D 163 40.42 29.83 -35.89
CA ARG D 163 39.21 29.22 -36.45
C ARG D 163 39.61 28.03 -37.30
N ALA D 164 39.43 26.85 -36.74
CA ALA D 164 39.82 25.61 -37.38
C ALA D 164 38.99 25.34 -38.64
N VAL D 165 39.67 24.94 -39.71
CA VAL D 165 39.04 24.70 -41.00
C VAL D 165 39.59 23.41 -41.57
N THR D 166 38.72 22.55 -42.09
CA THR D 166 39.16 21.35 -42.79
C THR D 166 39.01 21.58 -44.30
N CYS D 167 40.10 21.45 -45.05
CA CYS D 167 40.06 21.61 -46.49
C CYS D 167 40.38 20.31 -47.21
N GLY D 168 39.87 20.20 -48.44
CA GLY D 168 40.12 19.07 -49.31
C GLY D 168 41.36 19.25 -50.16
N MET D 169 41.47 18.39 -51.17
CA MET D 169 42.57 18.49 -52.11
C MET D 169 42.31 19.57 -53.15
N ALA D 170 43.39 20.25 -53.56
CA ALA D 170 43.28 21.22 -54.64
C ALA D 170 43.07 20.51 -55.97
N SER D 171 42.26 21.10 -56.84
CA SER D 171 41.98 20.53 -58.15
C SER D 171 42.13 21.58 -59.24
N LEU D 172 42.46 21.11 -60.43
CA LEU D 172 42.58 21.99 -61.58
C LEU D 172 41.20 22.26 -62.17
N SER D 173 40.89 23.55 -62.34
CA SER D 173 39.63 23.93 -62.94
C SER D 173 39.70 23.84 -64.47
N ALA D 174 38.59 23.44 -65.08
CA ALA D 174 38.49 23.48 -66.54
C ALA D 174 38.49 24.91 -67.06
N GLU D 175 37.99 25.83 -66.25
CA GLU D 175 38.00 27.23 -66.62
C GLU D 175 39.40 27.79 -66.50
N LYS D 176 39.94 28.27 -67.60
CA LYS D 176 41.19 29.00 -67.61
C LYS D 176 40.87 30.49 -67.59
N VAL D 177 41.70 31.28 -66.92
CA VAL D 177 41.43 32.73 -66.70
C VAL D 177 42.32 33.52 -67.64
N THR D 178 41.77 34.50 -68.33
CA THR D 178 42.52 35.35 -69.27
C THR D 178 42.91 36.60 -68.52
N LEU D 179 44.20 36.84 -68.33
CA LEU D 179 44.71 38.08 -67.73
C LEU D 179 45.56 38.70 -68.82
N ASP D 180 45.23 39.91 -69.26
CA ASP D 180 45.98 40.61 -70.31
C ASP D 180 45.97 39.74 -71.56
N GLN D 181 47.11 39.39 -72.17
CA GLN D 181 47.18 38.68 -73.47
C GLN D 181 47.39 37.20 -73.32
N ARG D 182 47.31 36.64 -72.12
CA ARG D 182 47.63 35.22 -71.87
C ARG D 182 46.55 34.56 -71.02
N ASP D 183 46.38 33.26 -71.17
CA ASP D 183 45.39 32.47 -70.41
C ASP D 183 46.15 31.66 -69.37
N TYR D 184 45.82 31.78 -68.09
CA TYR D 184 46.54 31.13 -66.97
C TYR D 184 45.64 30.05 -66.39
N GLU D 185 46.20 28.92 -65.96
CA GLU D 185 45.43 27.80 -65.44
C GLU D 185 45.07 27.99 -63.98
N LYS D 186 43.85 27.56 -63.62
CA LYS D 186 43.29 27.82 -62.30
C LYS D 186 43.14 26.56 -61.48
N TYR D 187 43.56 26.64 -60.22
CA TYR D 187 43.35 25.59 -59.23
C TYR D 187 42.37 26.14 -58.20
N SER D 188 41.53 25.26 -57.65
CA SER D 188 40.54 25.65 -56.64
C SER D 188 40.47 24.54 -55.60
N VAL D 189 40.09 24.88 -54.38
CA VAL D 189 39.94 23.91 -53.30
C VAL D 189 38.71 24.27 -52.47
N SER D 190 37.96 23.27 -52.03
CA SER D 190 36.78 23.46 -51.19
C SER D 190 37.12 23.25 -49.71
N CYS D 191 36.61 24.14 -48.87
CA CYS D 191 36.88 24.15 -47.44
C CYS D 191 35.59 24.25 -46.65
N GLN D 192 35.63 23.76 -45.42
CA GLN D 192 34.49 23.80 -44.51
C GLN D 192 35.00 24.19 -43.13
N GLU D 193 34.39 25.21 -42.53
CA GLU D 193 34.73 25.55 -41.14
C GLU D 193 34.25 24.43 -40.21
N ASP D 194 35.11 24.04 -39.27
CA ASP D 194 34.80 22.88 -38.44
C ASP D 194 33.63 23.11 -37.49
N VAL D 195 33.47 24.31 -36.98
CA VAL D 195 32.35 24.64 -36.09
C VAL D 195 31.75 25.96 -36.55
N THR D 196 30.40 26.01 -36.55
CA THR D 196 29.65 27.20 -36.93
C THR D 196 28.52 27.38 -35.92
N CYS D 197 28.09 28.63 -35.79
CA CYS D 197 26.93 28.99 -35.00
C CYS D 197 26.22 30.16 -35.68
N PRO D 198 25.72 29.95 -36.90
CA PRO D 198 25.98 30.90 -38.02
C PRO D 198 25.41 32.31 -37.84
N THR D 199 24.44 32.51 -36.94
CA THR D 199 23.98 33.87 -36.67
C THR D 199 25.04 34.71 -35.97
N ALA D 200 25.92 34.07 -35.19
CA ALA D 200 26.93 34.78 -34.43
C ALA D 200 27.92 35.50 -35.33
N GLU D 201 28.34 36.67 -34.87
CA GLU D 201 29.27 37.53 -35.58
C GLU D 201 30.67 36.97 -35.48
N GLU D 202 31.48 37.29 -36.49
CA GLU D 202 32.84 36.79 -36.61
C GLU D 202 33.83 37.73 -35.91
N THR D 203 34.34 37.31 -34.75
CA THR D 203 35.27 38.18 -34.02
C THR D 203 36.72 38.01 -34.44
N LEU D 204 37.07 36.91 -35.08
CA LEU D 204 38.42 36.65 -35.55
C LEU D 204 38.35 36.18 -36.99
N PRO D 205 39.35 36.48 -37.79
CA PRO D 205 39.34 36.04 -39.18
C PRO D 205 39.72 34.56 -39.29
N ILE D 206 39.43 34.02 -40.46
CA ILE D 206 39.97 32.73 -40.87
C ILE D 206 41.30 33.03 -41.56
N GLU D 207 42.36 32.42 -41.07
CA GLU D 207 43.71 32.60 -41.60
C GLU D 207 44.12 31.29 -42.25
N LEU D 208 44.52 31.36 -43.52
CA LEU D 208 44.93 30.19 -44.29
C LEU D 208 46.31 30.39 -44.89
N ALA D 209 47.04 29.28 -45.02
CA ALA D 209 48.34 29.26 -45.66
C ALA D 209 48.35 28.18 -46.74
N LEU D 210 48.77 28.55 -47.95
CA LEU D 210 48.93 27.60 -49.05
C LEU D 210 50.42 27.32 -49.24
N GLU D 211 50.81 26.05 -49.17
CA GLU D 211 52.16 25.63 -49.54
C GLU D 211 52.14 25.26 -51.02
N ALA D 212 53.13 25.77 -51.75
CA ALA D 212 53.22 25.54 -53.18
C ALA D 212 54.60 25.02 -53.51
N ARG D 213 54.65 23.93 -54.28
CA ARG D 213 55.89 23.35 -54.72
C ARG D 213 55.86 23.17 -56.23
N GLN D 214 56.98 23.46 -56.86
CA GLN D 214 57.13 23.30 -58.31
C GLN D 214 58.55 22.81 -58.53
N GLN D 215 58.67 21.54 -58.89
CA GLN D 215 59.95 20.83 -59.01
C GLN D 215 60.63 20.98 -57.66
N ASN D 216 61.85 21.52 -57.58
CA ASN D 216 62.59 21.66 -56.33
C ASN D 216 62.38 23.01 -55.64
N LYS D 217 61.35 23.77 -55.98
CA LYS D 217 61.10 25.09 -55.43
C LYS D 217 59.95 25.07 -54.44
N TYR D 218 60.13 25.72 -53.30
CA TYR D 218 59.11 25.88 -52.27
C TYR D 218 58.75 27.36 -52.10
N GLU D 219 57.45 27.64 -52.03
CA GLU D 219 56.91 28.95 -51.68
C GLU D 219 55.68 28.71 -50.83
N ASN D 220 55.26 29.73 -50.07
CA ASN D 220 53.97 29.66 -49.42
C ASN D 220 53.32 31.03 -49.33
N TYR D 221 51.98 31.01 -49.24
CA TYR D 221 51.15 32.19 -49.42
C TYR D 221 50.18 32.21 -48.26
N SER D 222 49.76 33.40 -47.85
CA SER D 222 48.83 33.46 -46.74
C SER D 222 47.70 34.42 -47.02
N THR D 223 46.55 34.16 -46.41
CA THR D 223 45.41 35.05 -46.53
C THR D 223 44.61 34.99 -45.24
N SER D 224 43.89 36.08 -44.95
CA SER D 224 43.02 36.14 -43.78
C SER D 224 41.78 36.93 -44.17
N PHE D 225 40.60 36.44 -43.76
CA PHE D 225 39.34 37.04 -44.18
C PHE D 225 38.24 36.62 -43.22
N PHE D 226 37.10 37.31 -43.33
CA PHE D 226 35.88 36.93 -42.62
C PHE D 226 34.90 36.40 -43.67
N ILE D 227 34.08 35.41 -43.28
CA ILE D 227 33.16 34.83 -44.24
C ILE D 227 32.24 35.90 -44.83
N ARG D 228 31.78 36.84 -44.00
CA ARG D 228 30.89 37.90 -44.49
C ARG D 228 31.51 38.68 -45.63
N ASP D 229 32.84 38.76 -45.68
CA ASP D 229 33.49 39.52 -46.75
C ASP D 229 33.53 38.73 -48.06
N ILE D 230 33.55 37.40 -48.01
CA ILE D 230 33.70 36.60 -49.22
C ILE D 230 32.38 36.02 -49.72
N ILE D 231 31.26 36.44 -49.15
CA ILE D 231 29.97 35.98 -49.64
C ILE D 231 29.80 36.43 -51.07
N LYS D 232 29.54 35.48 -51.97
CA LYS D 232 29.20 35.77 -53.34
C LYS D 232 28.05 34.85 -53.68
N PRO D 233 26.81 35.34 -53.56
CA PRO D 233 25.66 34.50 -53.86
C PRO D 233 25.60 34.01 -55.31
N ASP D 234 24.92 32.88 -55.54
CA ASP D 234 24.71 32.39 -56.88
C ASP D 234 23.75 33.30 -57.62
N PRO D 235 23.76 33.25 -58.96
CA PRO D 235 22.84 34.08 -59.73
C PRO D 235 21.40 33.68 -59.51
N PRO D 236 20.46 34.62 -59.60
CA PRO D 236 19.05 34.29 -59.41
C PRO D 236 18.53 33.26 -60.40
N LYS D 237 17.59 32.45 -59.93
CA LYS D 237 17.04 31.34 -60.72
C LYS D 237 15.67 31.70 -61.31
N ASN D 238 15.27 30.95 -62.35
CA ASN D 238 13.94 31.01 -62.96
C ASN D 238 13.59 32.43 -63.40
N LEU D 239 14.54 33.13 -63.99
CA LEU D 239 14.23 34.45 -64.51
C LEU D 239 13.29 34.33 -65.71
N GLN D 240 12.15 35.05 -65.65
CA GLN D 240 11.08 34.96 -66.65
C GLN D 240 10.57 36.34 -67.09
N MET D 241 9.89 36.32 -68.24
CA MET D 241 9.32 37.49 -68.88
C MET D 241 7.84 37.27 -69.15
N LYS D 242 6.99 38.12 -68.59
CA LYS D 242 5.55 38.02 -68.87
C LYS D 242 5.20 39.33 -69.53
N PRO D 243 4.83 39.33 -70.81
CA PRO D 243 4.55 40.58 -71.51
C PRO D 243 3.23 41.17 -71.05
N LEU D 244 3.16 42.50 -71.12
CA LEU D 244 1.98 43.25 -70.72
C LEU D 244 1.65 44.29 -71.79
N LYS D 245 0.52 44.95 -71.62
CA LYS D 245 0.11 45.98 -72.57
C LYS D 245 1.09 47.15 -72.51
N ASN D 246 1.19 47.87 -73.63
CA ASN D 246 2.07 49.04 -73.77
C ASN D 246 3.55 48.66 -73.71
N SER D 247 3.89 47.49 -74.26
CA SER D 247 5.26 47.03 -74.40
C SER D 247 5.96 46.86 -73.07
N GLN D 248 5.22 46.87 -71.98
CA GLN D 248 5.78 46.53 -70.69
C GLN D 248 5.93 45.03 -70.57
N VAL D 249 6.89 44.62 -69.77
CA VAL D 249 6.98 43.23 -69.37
C VAL D 249 7.18 43.19 -67.87
N GLU D 250 6.69 42.13 -67.27
CA GLU D 250 6.95 41.84 -65.86
C GLU D 250 8.10 40.84 -65.87
N VAL D 251 9.11 41.12 -65.06
CA VAL D 251 10.26 40.24 -64.95
C VAL D 251 10.31 39.73 -63.52
N SER D 252 10.62 38.45 -63.39
CA SER D 252 10.60 37.83 -62.09
C SER D 252 11.66 36.73 -62.01
N TRP D 253 12.07 36.46 -60.78
CA TRP D 253 13.14 35.53 -60.48
C TRP D 253 12.95 35.03 -59.05
N GLU D 254 13.78 34.06 -58.65
CA GLU D 254 13.75 33.54 -57.29
C GLU D 254 15.16 33.56 -56.69
N TYR D 255 15.20 33.48 -55.37
CA TYR D 255 16.48 33.35 -54.66
C TYR D 255 17.13 32.05 -55.12
N PRO D 256 18.45 31.99 -55.25
CA PRO D 256 19.08 30.72 -55.65
C PRO D 256 19.04 29.68 -54.55
N ASP D 257 19.10 28.40 -54.98
CA ASP D 257 18.95 27.32 -54.03
C ASP D 257 20.15 27.15 -53.13
N SER D 258 21.27 27.77 -53.46
CA SER D 258 22.47 27.68 -52.65
C SER D 258 22.43 28.62 -51.46
N TRP D 259 21.51 29.58 -51.49
CA TRP D 259 21.52 30.65 -50.52
C TRP D 259 20.99 30.18 -49.17
N SER D 260 21.55 30.78 -48.13
CA SER D 260 21.17 30.43 -46.76
C SER D 260 19.72 30.79 -46.52
N THR D 261 19.05 29.95 -45.73
CA THR D 261 17.65 30.07 -45.38
C THR D 261 17.52 30.25 -43.89
N PRO D 262 16.44 30.85 -43.41
CA PRO D 262 15.28 31.40 -44.14
C PRO D 262 15.60 32.68 -44.90
N HIS D 263 14.94 32.88 -46.04
CA HIS D 263 15.21 34.05 -46.87
C HIS D 263 14.69 35.34 -46.21
N SER D 264 13.80 35.22 -45.24
CA SER D 264 13.34 36.39 -44.47
C SER D 264 14.43 36.99 -43.59
N TYR D 265 15.39 36.19 -43.15
CA TYR D 265 16.53 36.69 -42.36
C TYR D 265 17.74 36.96 -43.24
N PHE D 266 18.11 35.99 -44.07
CA PHE D 266 19.21 36.14 -45.01
C PHE D 266 18.56 36.64 -46.29
N SER D 267 18.43 37.95 -46.40
CA SER D 267 17.74 38.57 -47.50
C SER D 267 18.76 39.09 -48.50
N LEU D 268 18.36 39.13 -49.76
CA LEU D 268 19.15 39.61 -50.88
C LEU D 268 18.49 40.83 -51.52
N LYS D 269 19.32 41.76 -52.00
CA LYS D 269 18.90 42.83 -52.88
C LYS D 269 19.40 42.52 -54.29
N PHE D 270 18.68 43.03 -55.29
CA PHE D 270 18.95 42.72 -56.70
C PHE D 270 19.13 44.01 -57.49
N PHE D 271 19.85 43.92 -58.62
CA PHE D 271 20.05 45.04 -59.51
C PHE D 271 19.66 44.60 -60.91
N VAL D 272 18.69 45.29 -61.52
CA VAL D 272 18.16 44.92 -62.83
C VAL D 272 18.72 45.86 -63.89
N ARG D 273 19.29 45.30 -64.97
CA ARG D 273 19.93 46.01 -66.06
C ARG D 273 19.31 45.65 -67.40
N ILE D 274 19.12 46.64 -68.28
CA ILE D 274 18.72 46.45 -69.67
C ILE D 274 19.93 46.45 -70.60
N GLN D 275 20.09 45.35 -71.36
CA GLN D 275 21.22 45.16 -72.27
C GLN D 275 20.78 45.37 -73.73
N ARG D 276 21.04 46.57 -74.23
CA ARG D 276 20.66 46.88 -75.61
C ARG D 276 21.34 45.96 -76.61
N LYS D 277 22.63 45.69 -76.43
CA LYS D 277 23.45 44.82 -77.27
C LYS D 277 24.80 44.60 -76.59
N LYS D 278 25.28 43.35 -76.60
CA LYS D 278 26.59 43.00 -76.02
C LYS D 278 27.08 41.61 -76.45
N GLU D 285 32.70 43.63 -68.07
CA GLU D 285 33.22 43.14 -66.79
C GLU D 285 32.08 42.50 -65.97
N GLU D 286 32.46 41.76 -64.92
CA GLU D 286 31.51 41.11 -64.02
C GLU D 286 31.81 41.57 -62.60
N GLY D 287 30.84 42.22 -61.96
CA GLY D 287 31.05 42.81 -60.66
C GLY D 287 29.89 43.72 -60.30
N CYS D 288 29.96 44.28 -59.09
CA CYS D 288 28.84 45.06 -58.56
C CYS D 288 28.54 46.38 -59.28
N ASN D 289 29.56 47.19 -59.49
CA ASN D 289 29.33 48.52 -60.04
C ASN D 289 29.85 48.65 -61.45
N GLN D 290 30.05 47.53 -62.13
CA GLN D 290 30.58 47.63 -63.49
C GLN D 290 29.56 48.14 -64.48
N LYS D 291 28.28 48.16 -64.13
CA LYS D 291 27.19 48.54 -65.03
C LYS D 291 26.16 49.38 -64.31
N GLY D 292 25.54 50.31 -65.04
CA GLY D 292 24.43 51.08 -64.48
C GLY D 292 23.17 50.21 -64.43
N ALA D 293 22.51 50.22 -63.28
CA ALA D 293 21.35 49.36 -63.11
C ALA D 293 20.49 49.86 -61.96
N PHE D 294 19.29 49.28 -61.86
CA PHE D 294 18.29 49.72 -60.90
C PHE D 294 18.13 48.72 -59.78
N LEU D 295 18.00 49.24 -58.58
CA LEU D 295 17.93 48.44 -57.37
C LEU D 295 16.51 47.99 -57.09
N VAL D 296 16.35 46.70 -56.84
CA VAL D 296 15.06 46.16 -56.44
C VAL D 296 15.30 45.11 -55.35
N GLU D 297 14.51 45.18 -54.27
CA GLU D 297 14.57 44.21 -53.18
C GLU D 297 13.55 43.09 -53.30
N LYS D 298 12.45 43.37 -54.00
CA LYS D 298 11.41 42.44 -54.39
C LYS D 298 11.96 41.53 -55.48
N THR D 299 11.40 40.34 -55.61
CA THR D 299 11.88 39.44 -56.64
C THR D 299 11.26 39.70 -58.03
N SER D 300 10.59 40.83 -58.25
CA SER D 300 10.00 41.15 -59.54
C SER D 300 9.92 42.66 -59.77
N THR D 301 10.10 43.07 -61.02
CA THR D 301 9.97 44.46 -61.48
C THR D 301 9.29 44.44 -62.84
N GLU D 302 8.82 45.62 -63.27
CA GLU D 302 8.32 45.85 -64.62
C GLU D 302 9.24 46.77 -65.38
N VAL D 303 9.44 46.45 -66.65
CA VAL D 303 10.40 47.12 -67.52
C VAL D 303 9.88 47.15 -68.95
N GLN D 304 10.14 48.26 -69.63
CA GLN D 304 9.80 48.49 -71.03
C GLN D 304 11.03 48.34 -71.92
N CYS D 305 11.35 47.10 -72.35
CA CYS D 305 12.53 46.90 -73.20
C CYS D 305 12.27 46.95 -74.73
N LYS D 306 11.22 46.27 -75.20
CA LYS D 306 10.89 46.19 -76.64
C LYS D 306 12.09 45.72 -77.47
N GLY D 307 12.98 44.95 -76.88
CA GLY D 307 14.16 44.44 -77.56
C GLY D 307 15.32 44.35 -76.58
N GLY D 308 16.40 43.74 -77.06
CA GLY D 308 17.59 43.53 -76.25
C GLY D 308 17.40 42.42 -75.24
N ASN D 309 18.17 42.51 -74.14
CA ASN D 309 18.12 41.59 -73.01
C ASN D 309 17.94 42.33 -71.69
N VAL D 310 17.38 41.61 -70.73
CA VAL D 310 17.22 42.08 -69.36
C VAL D 310 18.02 41.20 -68.42
N CYS D 311 18.90 41.80 -67.60
CA CYS D 311 19.80 41.03 -66.75
C CYS D 311 19.63 41.44 -65.30
N VAL D 312 19.92 40.50 -64.40
CA VAL D 312 19.83 40.72 -62.96
C VAL D 312 20.97 40.02 -62.23
N GLN D 313 21.49 40.67 -61.21
CA GLN D 313 22.49 40.12 -60.29
C GLN D 313 21.99 40.31 -58.86
N ALA D 314 22.60 39.57 -57.92
CA ALA D 314 22.18 39.57 -56.52
C ALA D 314 23.32 39.96 -55.60
N GLN D 315 22.96 40.53 -54.46
CA GLN D 315 23.91 40.92 -53.43
C GLN D 315 23.24 40.80 -52.06
N ASP D 316 24.04 40.51 -51.04
CA ASP D 316 23.54 40.55 -49.67
C ASP D 316 22.93 41.92 -49.39
N ARG D 317 21.75 41.91 -48.78
CA ARG D 317 21.03 43.17 -48.57
C ARG D 317 21.72 44.07 -47.55
N TYR D 318 22.31 43.50 -46.49
CA TYR D 318 22.80 44.32 -45.39
C TYR D 318 24.31 44.45 -45.31
N TYR D 319 25.06 43.92 -46.27
CA TYR D 319 26.52 43.96 -46.20
C TYR D 319 27.04 44.07 -47.63
N ASN D 320 28.19 44.72 -47.78
CA ASN D 320 28.81 44.88 -49.10
C ASN D 320 29.65 43.66 -49.46
N SER D 321 28.95 42.58 -49.71
CA SER D 321 29.50 41.33 -50.16
C SER D 321 29.70 41.41 -51.66
N SER D 322 30.41 40.45 -52.21
CA SER D 322 30.55 40.39 -53.66
C SER D 322 29.19 40.04 -54.28
N CYS D 323 28.95 40.59 -55.46
CA CYS D 323 27.71 40.38 -56.17
C CYS D 323 27.74 39.09 -56.97
N SER D 324 26.56 38.54 -57.23
CA SER D 324 26.44 37.34 -58.04
C SER D 324 26.74 37.63 -59.49
N LYS D 325 26.93 36.56 -60.25
CA LYS D 325 26.99 36.69 -61.70
C LYS D 325 25.64 37.16 -62.22
N TRP D 326 25.65 37.75 -63.42
CA TRP D 326 24.41 38.21 -64.03
C TRP D 326 23.58 37.03 -64.55
N ALA D 327 22.28 37.07 -64.27
CA ALA D 327 21.31 36.21 -64.92
C ALA D 327 20.62 37.00 -66.01
N CYS D 328 20.56 36.46 -67.24
CA CYS D 328 19.98 37.21 -68.34
C CYS D 328 18.91 36.42 -69.09
N VAL D 329 17.87 37.12 -69.56
CA VAL D 329 16.85 36.54 -70.44
C VAL D 329 16.53 37.50 -71.56
N PRO D 330 16.18 36.96 -72.73
CA PRO D 330 15.82 37.83 -73.86
C PRO D 330 14.49 38.53 -73.66
N CYS D 331 14.40 39.71 -74.23
CA CYS D 331 13.15 40.46 -74.35
C CYS D 331 12.65 40.29 -75.77
N ARG D 332 11.63 39.45 -75.98
CA ARG D 332 11.22 39.15 -77.35
C ARG D 332 10.01 39.99 -77.76
N VAL D 333 9.94 40.27 -79.07
CA VAL D 333 8.89 41.06 -79.71
C VAL D 333 8.21 40.34 -80.86
#